data_6IBT
#
_entry.id   6IBT
#
_cell.length_a   90.390
_cell.length_b   90.390
_cell.length_c   216.590
_cell.angle_alpha   90.00
_cell.angle_beta   90.00
_cell.angle_gamma   120.00
#
_symmetry.space_group_name_H-M   'P 32 2 1'
#
loop_
_entity.id
_entity.type
_entity.pdbx_description
1 polymer 'Alpha-galactosidase A'
2 branched beta-D-mannopyranose-(1-4)-2-acetamido-2-deoxy-beta-D-glucopyranose-(1-4)-2-acetamido-2-deoxy-beta-D-glucopyranose
3 branched alpha-D-mannopyranose-(1-3)-beta-D-mannopyranose-(1-4)-2-acetamido-2-deoxy-beta-D-glucopyranose-(1-4)-2-acetamido-2-deoxy-beta-D-glucopyranose
4 branched 2-acetamido-2-deoxy-beta-D-glucopyranose-(1-4)-2-acetamido-2-deoxy-beta-D-glucopyranose
5 non-polymer 2-acetamido-2-deoxy-beta-D-glucopyranose
6 non-polymer 1,2-ETHANEDIOL
7 non-polymer DI(HYDROXYETHYL)ETHER
8 non-polymer (1~{S},2~{S},3~{S},4~{S},5~{R},6~{S})-5-(hydroxymethyl)-7-azabicyclo[4.1.0]heptane-2,3,4-triol
9 non-polymer 'SULFATE ION'
10 non-polymer 'ACETATE ION'
11 water water
#
_entity_poly.entity_id   1
_entity_poly.type   'polypeptide(L)'
_entity_poly.pdbx_seq_one_letter_code
;LDNGLARTPTMGWLHWERFMCNLDCQEEPDSCISEKLFMEMAELMVSEGWKDAGYEYLCIDDCWMAPQRDSEGRLQADPQ
RFPHGIRQLANYVHSKGLKLGIYADVGNKTCAGFPGSFGYYDIDAQTFADWGVDLLKFDGCYCDSLENLADGYKHMSLAL
NRTGRSIVYSCEWPLYMWPFQKPNYTEIRQYCNHWRNFADIDDSWKSIKSILDWTSFNQERIVDVAGPGGWNDPDMLVIG
NFGLSWNQQVTQMALWAIMAAPLFMSNDLRHISPQAKALLQDKDVIAINQDPLGKQGYQLRQGDNFEVWERPLSGLAWAV
AMINRQEIGGPRSYTIAVASLGKGVACNPACFITQLLPVKRKLGFYEWTSRLRSHINPTGTVLLQLENTMQMSLKDLL
;
_entity_poly.pdbx_strand_id   A,B
#
loop_
_chem_comp.id
_chem_comp.type
_chem_comp.name
_chem_comp.formula
ACT non-polymer 'ACETATE ION' 'C2 H3 O2 -1'
BMA D-saccharide, beta linking beta-D-mannopyranose 'C6 H12 O6'
EDO non-polymer 1,2-ETHANEDIOL 'C2 H6 O2'
H9T non-polymer (1~{S},2~{S},3~{S},4~{S},5~{R},6~{S})-5-(hydroxymethyl)-7-azabicyclo[4.1.0]heptane-2,3,4-triol 'C7 H13 N O4'
MAN D-saccharide, alpha linking alpha-D-mannopyranose 'C6 H12 O6'
NAG D-saccharide, beta linking 2-acetamido-2-deoxy-beta-D-glucopyranose 'C8 H15 N O6'
PEG non-polymer DI(HYDROXYETHYL)ETHER 'C4 H10 O3'
SO4 non-polymer 'SULFATE ION' 'O4 S -2'
#
# COMPACT_ATOMS: atom_id res chain seq x y z
N LEU A 1 8.05 5.59 -34.06
CA LEU A 1 8.07 6.83 -34.91
C LEU A 1 9.52 7.16 -35.22
N ASP A 2 9.87 7.22 -36.50
CA ASP A 2 11.26 7.46 -36.94
C ASP A 2 11.50 8.97 -37.08
N ASN A 3 11.42 9.72 -35.96
CA ASN A 3 11.75 11.16 -35.90
C ASN A 3 13.08 11.37 -35.16
N GLY A 4 13.84 10.31 -34.91
CA GLY A 4 15.15 10.39 -34.26
C GLY A 4 15.07 10.58 -32.75
N LEU A 5 13.89 10.65 -32.16
CA LEU A 5 13.70 10.89 -30.71
C LEU A 5 13.32 9.59 -29.99
N ALA A 6 13.31 9.63 -28.66
CA ALA A 6 12.88 8.49 -27.82
C ALA A 6 13.67 7.25 -28.26
N ARG A 7 14.95 7.40 -28.57
CA ARG A 7 15.85 6.27 -28.94
C ARG A 7 16.05 5.37 -27.73
N THR A 8 15.91 5.91 -26.52
CA THR A 8 15.67 5.18 -25.24
C THR A 8 14.37 5.71 -24.67
N PRO A 9 13.70 4.98 -23.75
CA PRO A 9 12.42 5.44 -23.22
C PRO A 9 12.58 6.82 -22.57
N THR A 10 11.63 7.72 -22.87
CA THR A 10 11.60 9.14 -22.44
C THR A 10 11.53 9.18 -20.91
N MET A 11 12.31 10.06 -20.30
CA MET A 11 12.36 10.26 -18.85
C MET A 11 11.96 11.70 -18.54
N GLY A 12 11.10 11.89 -17.53
CA GLY A 12 10.88 13.21 -16.92
C GLY A 12 9.81 13.21 -15.85
N TRP A 13 9.03 14.30 -15.84
CA TRP A 13 8.03 14.64 -14.81
C TRP A 13 6.74 15.16 -15.49
N LEU A 14 5.61 14.67 -15.03
CA LEU A 14 4.26 14.98 -15.56
C LEU A 14 3.34 15.27 -14.36
N HIS A 15 2.51 16.32 -14.41
CA HIS A 15 1.77 16.81 -13.22
C HIS A 15 0.59 15.88 -12.85
N TRP A 16 0.06 15.09 -13.78
CA TRP A 16 -1.36 14.61 -13.66
C TRP A 16 -1.64 13.88 -12.34
N GLU A 17 -0.97 12.76 -12.09
CA GLU A 17 -1.40 11.82 -11.02
C GLU A 17 -1.44 12.55 -9.68
N ARG A 18 -0.41 13.34 -9.36
N ARG A 18 -0.42 13.36 -9.37
CA ARG A 18 -0.27 14.03 -8.04
CA ARG A 18 -0.23 14.03 -8.05
C ARG A 18 -1.12 15.31 -8.00
C ARG A 18 -1.02 15.35 -7.97
N PHE A 19 -1.08 16.15 -9.04
CA PHE A 19 -1.67 17.52 -9.03
C PHE A 19 -3.00 17.62 -9.79
N MET A 20 -3.31 16.68 -10.68
CA MET A 20 -4.66 16.48 -11.27
C MET A 20 -5.14 17.78 -11.94
N CYS A 21 -6.42 18.14 -11.78
CA CYS A 21 -7.04 19.35 -12.41
C CYS A 21 -7.38 20.38 -11.33
N ASN A 22 -6.44 20.69 -10.45
CA ASN A 22 -6.61 21.70 -9.36
C ASN A 22 -6.52 23.12 -9.94
N LEU A 23 -7.67 23.77 -10.17
CA LEU A 23 -7.77 25.16 -10.71
C LEU A 23 -7.86 26.19 -9.58
N ASP A 24 -7.86 25.78 -8.31
CA ASP A 24 -8.14 26.70 -7.17
C ASP A 24 -6.85 27.36 -6.67
N CYS A 25 -6.34 28.38 -7.36
CA CYS A 25 -5.06 29.04 -6.98
C CYS A 25 -5.29 29.98 -5.80
N GLN A 26 -6.53 30.42 -5.58
CA GLN A 26 -6.94 31.28 -4.46
C GLN A 26 -6.64 30.56 -3.13
N GLU A 27 -7.29 29.40 -2.90
N GLU A 27 -7.31 29.42 -2.88
CA GLU A 27 -7.20 28.64 -1.63
CA GLU A 27 -7.17 28.66 -1.62
C GLU A 27 -5.97 27.71 -1.61
C GLU A 27 -5.85 27.86 -1.62
N GLU A 28 -5.47 27.27 -2.77
CA GLU A 28 -4.31 26.33 -2.85
C GLU A 28 -3.32 26.77 -3.93
N PRO A 29 -2.66 27.94 -3.75
CA PRO A 29 -1.68 28.42 -4.72
C PRO A 29 -0.45 27.51 -4.91
N ASP A 30 -0.18 26.65 -3.92
CA ASP A 30 0.99 25.73 -3.89
C ASP A 30 0.74 24.45 -4.71
N SER A 31 -0.51 24.14 -5.05
CA SER A 31 -0.95 22.84 -5.63
C SER A 31 -1.60 23.04 -7.00
N CYS A 32 -1.98 24.28 -7.33
CA CYS A 32 -2.89 24.54 -8.46
C CYS A 32 -2.09 24.40 -9.75
N ILE A 33 -2.75 24.11 -10.86
CA ILE A 33 -2.06 23.92 -12.18
C ILE A 33 -1.69 25.30 -12.69
N SER A 34 -0.46 25.70 -12.42
CA SER A 34 0.06 27.07 -12.63
C SER A 34 1.49 27.02 -13.16
N GLU A 35 1.87 28.10 -13.84
CA GLU A 35 3.25 28.48 -14.24
C GLU A 35 4.21 28.32 -13.06
N LYS A 36 3.84 28.75 -11.86
CA LYS A 36 4.75 28.71 -10.68
C LYS A 36 5.05 27.23 -10.34
N LEU A 37 4.05 26.34 -10.47
CA LEU A 37 4.27 24.92 -10.14
C LEU A 37 5.35 24.35 -11.07
N PHE A 38 5.30 24.68 -12.37
CA PHE A 38 6.20 24.07 -13.39
C PHE A 38 7.60 24.68 -13.21
N MET A 39 7.67 25.95 -12.81
CA MET A 39 8.96 26.62 -12.55
C MET A 39 9.61 26.01 -11.30
N GLU A 40 8.84 25.70 -10.28
CA GLU A 40 9.39 25.12 -9.02
C GLU A 40 9.99 23.75 -9.36
N MET A 41 9.22 22.92 -10.08
CA MET A 41 9.63 21.55 -10.47
C MET A 41 10.90 21.61 -11.35
N ALA A 42 10.98 22.54 -12.30
CA ALA A 42 12.16 22.78 -13.17
C ALA A 42 13.41 23.06 -12.32
N GLU A 43 13.30 23.98 -11.37
CA GLU A 43 14.41 24.38 -10.48
C GLU A 43 14.91 23.13 -9.77
N LEU A 44 13.98 22.38 -9.16
CA LEU A 44 14.34 21.19 -8.35
C LEU A 44 14.88 20.07 -9.25
N MET A 45 14.42 19.94 -10.50
CA MET A 45 14.97 18.92 -11.44
C MET A 45 16.47 19.16 -11.66
N VAL A 46 16.88 20.42 -11.74
CA VAL A 46 18.31 20.82 -11.81
C VAL A 46 18.96 20.61 -10.44
N SER A 47 18.43 21.24 -9.38
CA SER A 47 19.14 21.41 -8.09
C SER A 47 19.24 20.08 -7.33
N GLU A 48 18.27 19.17 -7.46
CA GLU A 48 18.17 17.92 -6.65
C GLU A 48 18.64 16.69 -7.44
N GLY A 49 19.25 16.85 -8.61
CA GLY A 49 19.96 15.76 -9.33
C GLY A 49 19.09 14.98 -10.30
N TRP A 50 17.86 15.42 -10.56
CA TRP A 50 16.91 14.70 -11.47
C TRP A 50 17.42 14.71 -12.91
N LYS A 51 17.87 15.88 -13.39
CA LYS A 51 18.38 16.04 -14.76
C LYS A 51 19.62 15.17 -14.93
N ASP A 52 20.55 15.25 -13.99
CA ASP A 52 21.78 14.43 -14.00
C ASP A 52 21.45 12.94 -14.08
N ALA A 53 20.33 12.49 -13.54
CA ALA A 53 19.95 11.06 -13.51
C ALA A 53 19.24 10.70 -14.82
N GLY A 54 18.79 11.70 -15.59
CA GLY A 54 18.23 11.52 -16.93
C GLY A 54 16.79 11.99 -17.06
N TYR A 55 16.18 12.49 -15.99
CA TYR A 55 14.83 13.12 -16.03
C TYR A 55 14.96 14.48 -16.74
N GLU A 56 14.41 14.58 -17.95
CA GLU A 56 14.72 15.67 -18.91
C GLU A 56 13.46 16.38 -19.39
N TYR A 57 12.31 15.72 -19.47
CA TYR A 57 11.07 16.35 -19.98
C TYR A 57 10.18 16.73 -18.79
N LEU A 58 9.96 18.03 -18.63
CA LEU A 58 9.01 18.62 -17.67
C LEU A 58 7.70 18.85 -18.40
N CYS A 59 6.66 18.08 -18.08
CA CYS A 59 5.46 17.94 -18.93
C CYS A 59 4.23 18.46 -18.21
N ILE A 60 3.45 19.23 -18.95
CA ILE A 60 2.12 19.75 -18.59
C ILE A 60 1.10 18.74 -19.09
N ASP A 61 0.17 18.33 -18.22
CA ASP A 61 -0.97 17.45 -18.58
C ASP A 61 -2.18 18.36 -18.77
N ASP A 62 -3.39 17.81 -18.69
CA ASP A 62 -4.66 18.53 -18.92
C ASP A 62 -4.78 19.70 -17.92
N CYS A 63 -5.65 20.67 -18.24
CA CYS A 63 -6.09 21.82 -17.41
C CYS A 63 -5.05 22.96 -17.40
N TRP A 64 -4.33 23.19 -18.51
CA TRP A 64 -3.42 24.36 -18.70
C TRP A 64 -4.07 25.44 -19.61
N MET A 65 -5.17 25.09 -20.29
CA MET A 65 -5.79 25.86 -21.39
C MET A 65 -6.82 26.88 -20.85
N ALA A 66 -6.94 28.05 -21.48
CA ALA A 66 -8.13 28.91 -21.38
C ALA A 66 -9.37 28.11 -21.81
N PRO A 67 -10.59 28.47 -21.33
CA PRO A 67 -11.80 27.71 -21.66
C PRO A 67 -12.20 27.74 -23.13
N GLN A 68 -11.70 28.71 -23.90
CA GLN A 68 -12.09 28.98 -25.32
C GLN A 68 -10.84 29.34 -26.12
N ARG A 69 -10.80 28.97 -27.41
CA ARG A 69 -9.70 29.35 -28.34
C ARG A 69 -9.68 30.87 -28.52
N ASP A 70 -8.62 31.42 -29.09
CA ASP A 70 -8.49 32.89 -29.31
C ASP A 70 -9.29 33.26 -30.56
N SER A 71 -9.27 34.54 -30.93
CA SER A 71 -9.97 35.10 -32.12
C SER A 71 -9.41 34.47 -33.39
N GLU A 72 -8.09 34.17 -33.42
CA GLU A 72 -7.40 33.54 -34.59
C GLU A 72 -7.51 32.00 -34.49
N GLY A 73 -8.34 31.46 -33.58
CA GLY A 73 -8.74 30.03 -33.56
C GLY A 73 -7.69 29.10 -32.97
N ARG A 74 -6.73 29.64 -32.21
CA ARG A 74 -5.63 28.89 -31.58
C ARG A 74 -5.97 28.58 -30.12
N LEU A 75 -5.31 27.57 -29.56
CA LEU A 75 -5.31 27.26 -28.11
C LEU A 75 -4.60 28.40 -27.39
N GLN A 76 -5.08 28.73 -26.19
CA GLN A 76 -4.41 29.71 -25.29
C GLN A 76 -4.18 29.05 -23.93
N ALA A 77 -3.05 29.40 -23.31
CA ALA A 77 -2.78 29.20 -21.88
C ALA A 77 -3.80 30.03 -21.10
N ASP A 78 -4.38 29.47 -20.03
CA ASP A 78 -5.22 30.23 -19.07
C ASP A 78 -4.48 31.50 -18.67
N PRO A 79 -5.10 32.69 -18.89
CA PRO A 79 -4.39 33.96 -18.69
C PRO A 79 -3.98 34.23 -17.22
N GLN A 80 -4.70 33.69 -16.23
CA GLN A 80 -4.36 33.90 -14.79
C GLN A 80 -3.28 32.91 -14.32
N ARG A 81 -3.42 31.61 -14.64
CA ARG A 81 -2.56 30.53 -14.11
C ARG A 81 -1.27 30.42 -14.93
N PHE A 82 -1.31 30.83 -16.19
CA PHE A 82 -0.14 30.83 -17.09
C PHE A 82 0.01 32.23 -17.71
N PRO A 83 0.24 33.28 -16.90
CA PRO A 83 0.13 34.66 -17.39
C PRO A 83 1.22 35.06 -18.40
N HIS A 84 2.39 34.41 -18.38
CA HIS A 84 3.52 34.68 -19.31
C HIS A 84 3.38 33.83 -20.57
N GLY A 85 2.49 32.82 -20.56
CA GLY A 85 2.18 31.95 -21.71
C GLY A 85 3.19 30.84 -21.87
N ILE A 86 2.87 29.83 -22.69
CA ILE A 86 3.67 28.57 -22.81
C ILE A 86 5.05 28.88 -23.41
N ARG A 87 5.13 29.68 -24.46
CA ARG A 87 6.41 30.00 -25.15
C ARG A 87 7.45 30.45 -24.11
N GLN A 88 7.06 31.37 -23.23
CA GLN A 88 7.92 31.94 -22.14
C GLN A 88 8.28 30.84 -21.13
N LEU A 89 7.32 29.98 -20.77
CA LEU A 89 7.60 28.83 -19.87
C LEU A 89 8.61 27.91 -20.57
N ALA A 90 8.42 27.64 -21.85
CA ALA A 90 9.36 26.84 -22.68
C ALA A 90 10.74 27.50 -22.62
N ASN A 91 10.79 28.83 -22.77
CA ASN A 91 12.08 29.56 -22.75
C ASN A 91 12.77 29.29 -21.43
N TYR A 92 12.05 29.42 -20.30
CA TYR A 92 12.59 29.19 -18.93
C TYR A 92 13.11 27.76 -18.78
N VAL A 93 12.30 26.79 -19.22
CA VAL A 93 12.62 25.35 -19.03
C VAL A 93 13.87 25.02 -19.84
N HIS A 94 13.96 25.57 -21.05
CA HIS A 94 15.15 25.44 -21.94
C HIS A 94 16.40 26.08 -21.31
N SER A 95 16.28 27.18 -20.58
CA SER A 95 17.44 27.89 -19.97
C SER A 95 18.06 27.00 -18.90
N LYS A 96 17.31 26.03 -18.36
CA LYS A 96 17.75 25.07 -17.31
C LYS A 96 18.28 23.76 -17.93
N GLY A 97 18.32 23.68 -19.27
CA GLY A 97 18.77 22.49 -20.00
C GLY A 97 17.73 21.38 -20.03
N LEU A 98 16.46 21.72 -19.86
CA LEU A 98 15.34 20.73 -19.85
C LEU A 98 14.47 20.96 -21.09
N LYS A 99 13.53 20.05 -21.31
CA LYS A 99 12.55 20.08 -22.41
C LYS A 99 11.15 20.19 -21.80
N LEU A 100 10.23 20.82 -22.53
CA LEU A 100 8.84 21.04 -22.07
C LEU A 100 7.92 20.10 -22.86
N GLY A 101 7.04 19.42 -22.14
CA GLY A 101 5.92 18.66 -22.71
C GLY A 101 4.63 19.41 -22.53
N ILE A 102 3.70 19.29 -23.47
CA ILE A 102 2.32 19.82 -23.30
C ILE A 102 1.30 18.72 -23.64
N TYR A 103 0.01 19.02 -23.47
CA TYR A 103 -1.11 18.05 -23.56
C TYR A 103 -2.19 18.64 -24.48
N ALA A 104 -2.79 17.79 -25.32
CA ALA A 104 -4.00 18.08 -26.13
C ALA A 104 -4.80 16.80 -26.21
N ASP A 105 -5.98 16.86 -26.84
CA ASP A 105 -6.91 15.71 -27.01
C ASP A 105 -7.32 15.61 -28.49
N VAL A 106 -7.46 14.38 -28.97
CA VAL A 106 -7.71 14.04 -30.41
C VAL A 106 -9.16 14.40 -30.78
N GLY A 107 -10.06 14.43 -29.80
CA GLY A 107 -11.51 14.65 -29.99
C GLY A 107 -11.90 16.11 -29.85
N ASN A 108 -13.14 16.35 -29.41
CA ASN A 108 -13.77 17.69 -29.43
C ASN A 108 -13.46 18.43 -28.14
N LYS A 109 -13.31 17.73 -27.03
CA LYS A 109 -12.77 18.27 -25.75
C LYS A 109 -11.66 17.37 -25.18
N THR A 110 -10.82 17.96 -24.32
CA THR A 110 -9.90 17.23 -23.42
C THR A 110 -10.77 16.48 -22.41
N CYS A 111 -10.21 15.52 -21.69
CA CYS A 111 -11.00 14.68 -20.75
C CYS A 111 -11.57 15.57 -19.64
N ALA A 112 -10.85 16.60 -19.21
CA ALA A 112 -11.30 17.52 -18.14
C ALA A 112 -12.22 18.62 -18.73
N GLY A 113 -12.46 18.61 -20.04
CA GLY A 113 -13.54 19.37 -20.68
C GLY A 113 -13.10 20.71 -21.27
N PHE A 114 -11.81 20.88 -21.61
CA PHE A 114 -11.26 22.08 -22.29
C PHE A 114 -11.23 21.84 -23.79
N PRO A 115 -10.85 22.84 -24.61
CA PRO A 115 -10.81 22.69 -26.06
C PRO A 115 -10.09 21.46 -26.62
N GLY A 116 -10.82 20.63 -27.37
CA GLY A 116 -10.25 19.54 -28.19
C GLY A 116 -9.57 20.07 -29.44
N SER A 117 -8.88 19.20 -30.16
CA SER A 117 -8.05 19.57 -31.33
C SER A 117 -8.70 19.05 -32.62
N PHE A 118 -9.71 18.19 -32.54
CA PHE A 118 -10.49 17.77 -33.74
C PHE A 118 -10.84 19.03 -34.53
N GLY A 119 -10.44 19.05 -35.82
CA GLY A 119 -10.65 20.19 -36.73
C GLY A 119 -9.50 21.18 -36.70
N TYR A 120 -8.60 21.08 -35.73
CA TYR A 120 -7.53 22.09 -35.49
C TYR A 120 -6.14 21.44 -35.47
N TYR A 121 -6.04 20.16 -35.88
CA TYR A 121 -4.79 19.36 -35.77
C TYR A 121 -3.59 20.15 -36.32
N ASP A 122 -3.73 20.78 -37.49
CA ASP A 122 -2.63 21.48 -38.20
C ASP A 122 -2.25 22.76 -37.45
N ILE A 123 -3.23 23.56 -37.01
CA ILE A 123 -2.96 24.84 -36.27
C ILE A 123 -2.28 24.47 -34.94
N ASP A 124 -2.92 23.57 -34.20
CA ASP A 124 -2.46 23.12 -32.88
C ASP A 124 -1.00 22.68 -32.99
N ALA A 125 -0.68 21.85 -33.98
CA ALA A 125 0.70 21.37 -34.20
C ALA A 125 1.64 22.58 -34.34
N GLN A 126 1.25 23.59 -35.15
CA GLN A 126 2.12 24.74 -35.49
C GLN A 126 2.23 25.64 -34.26
N THR A 127 1.12 25.88 -33.56
CA THR A 127 1.09 26.61 -32.27
C THR A 127 2.15 25.97 -31.36
N PHE A 128 2.04 24.66 -31.09
CA PHE A 128 2.97 23.92 -30.17
C PHE A 128 4.41 24.14 -30.63
N ALA A 129 4.68 23.98 -31.93
CA ALA A 129 6.04 24.13 -32.52
C ALA A 129 6.56 25.56 -32.27
N ASP A 130 5.73 26.56 -32.58
CA ASP A 130 6.03 28.00 -32.39
C ASP A 130 6.40 28.27 -30.93
N TRP A 131 5.65 27.66 -29.99
CA TRP A 131 5.84 27.82 -28.53
C TRP A 131 7.14 27.20 -28.02
N GLY A 132 7.80 26.35 -28.81
CA GLY A 132 9.07 25.69 -28.42
C GLY A 132 8.81 24.42 -27.63
N VAL A 133 7.62 23.86 -27.75
CA VAL A 133 7.21 22.59 -27.09
C VAL A 133 8.07 21.45 -27.62
N ASP A 134 8.59 20.61 -26.74
CA ASP A 134 9.53 19.52 -27.08
C ASP A 134 8.79 18.18 -27.05
N LEU A 135 7.54 18.12 -26.57
CA LEU A 135 6.77 16.83 -26.41
C LEU A 135 5.28 17.12 -26.38
N LEU A 136 4.45 16.25 -26.97
CA LEU A 136 2.98 16.35 -26.91
C LEU A 136 2.42 15.00 -26.44
N LYS A 137 1.60 15.05 -25.39
CA LYS A 137 0.75 13.94 -24.93
C LYS A 137 -0.65 14.19 -25.48
N PHE A 138 -1.21 13.21 -26.17
CA PHE A 138 -2.44 13.38 -26.98
C PHE A 138 -3.48 12.38 -26.49
N ASP A 139 -4.36 12.83 -25.60
CA ASP A 139 -5.39 11.98 -24.97
C ASP A 139 -6.54 11.78 -25.96
N GLY A 140 -7.49 10.87 -25.68
CA GLY A 140 -8.45 10.37 -26.66
C GLY A 140 -9.91 10.53 -26.26
N CYS A 141 -10.24 11.40 -25.31
CA CYS A 141 -11.65 11.57 -24.86
C CYS A 141 -12.44 12.35 -25.92
N TYR A 142 -13.77 12.18 -25.91
CA TYR A 142 -14.73 12.92 -26.77
C TYR A 142 -14.34 12.75 -28.25
N CYS A 143 -14.17 11.49 -28.65
CA CYS A 143 -13.93 11.03 -30.04
C CYS A 143 -15.03 10.01 -30.39
N ASP A 144 -15.90 10.37 -31.33
CA ASP A 144 -17.19 9.67 -31.59
C ASP A 144 -17.00 8.39 -32.38
N SER A 145 -15.89 8.21 -33.12
CA SER A 145 -15.65 7.04 -33.99
C SER A 145 -14.18 6.57 -33.99
N LEU A 146 -13.97 5.27 -34.24
CA LEU A 146 -12.64 4.64 -34.46
C LEU A 146 -11.97 5.29 -35.68
N GLU A 147 -12.73 5.52 -36.76
CA GLU A 147 -12.28 6.26 -37.97
C GLU A 147 -11.63 7.56 -37.51
N ASN A 148 -12.37 8.39 -36.77
CA ASN A 148 -11.91 9.71 -36.27
C ASN A 148 -10.66 9.53 -35.38
N LEU A 149 -10.67 8.50 -34.52
CA LEU A 149 -9.55 8.20 -33.60
C LEU A 149 -8.28 7.97 -34.42
N ALA A 150 -8.26 6.95 -35.26
CA ALA A 150 -7.13 6.62 -36.15
C ALA A 150 -6.74 7.87 -36.95
N ASP A 151 -7.68 8.46 -37.67
CA ASP A 151 -7.40 9.61 -38.58
C ASP A 151 -6.74 10.73 -37.76
N GLY A 152 -7.27 11.06 -36.57
CA GLY A 152 -6.75 12.13 -35.70
C GLY A 152 -5.32 11.88 -35.24
N TYR A 153 -5.03 10.70 -34.66
CA TYR A 153 -3.67 10.34 -34.18
C TYR A 153 -2.68 10.41 -35.36
N LYS A 154 -3.05 9.85 -36.51
CA LYS A 154 -2.21 9.86 -37.74
C LYS A 154 -2.00 11.31 -38.20
N HIS A 155 -3.09 12.07 -38.29
CA HIS A 155 -3.09 13.47 -38.79
C HIS A 155 -2.14 14.31 -37.90
N MET A 156 -2.35 14.29 -36.59
CA MET A 156 -1.50 15.08 -35.66
C MET A 156 -0.04 14.64 -35.82
N SER A 157 0.22 13.32 -35.99
CA SER A 157 1.59 12.79 -36.17
C SER A 157 2.22 13.48 -37.38
N LEU A 158 1.49 13.53 -38.49
CA LEU A 158 2.01 14.13 -39.76
C LEU A 158 2.15 15.65 -39.60
N ALA A 159 1.21 16.32 -38.91
CA ALA A 159 1.25 17.79 -38.73
C ALA A 159 2.44 18.18 -37.84
N LEU A 160 2.74 17.38 -36.80
CA LEU A 160 3.93 17.64 -35.95
C LEU A 160 5.19 17.56 -36.82
N ASN A 161 5.37 16.47 -37.54
CA ASN A 161 6.52 16.27 -38.47
C ASN A 161 6.72 17.51 -39.36
N ARG A 162 5.62 18.06 -39.89
CA ARG A 162 5.65 19.15 -40.92
C ARG A 162 6.12 20.47 -40.27
N THR A 163 5.98 20.65 -38.95
CA THR A 163 6.38 21.90 -38.27
C THR A 163 7.89 22.10 -38.42
N GLY A 164 8.66 21.01 -38.58
CA GLY A 164 10.14 21.06 -38.61
C GLY A 164 10.76 20.84 -37.25
N ARG A 165 10.00 20.91 -36.16
CA ARG A 165 10.55 20.81 -34.78
C ARG A 165 10.47 19.35 -34.29
N SER A 166 11.59 18.80 -33.81
CA SER A 166 11.69 17.60 -32.95
C SER A 166 10.70 17.68 -31.76
N ILE A 167 9.57 16.98 -31.85
CA ILE A 167 8.52 16.89 -30.80
C ILE A 167 8.20 15.42 -30.53
N VAL A 168 8.57 14.91 -29.36
CA VAL A 168 8.17 13.55 -28.88
C VAL A 168 6.64 13.47 -28.89
N TYR A 169 6.08 12.45 -29.52
CA TYR A 169 4.62 12.30 -29.71
C TYR A 169 4.16 11.10 -28.88
N SER A 170 3.48 11.39 -27.78
CA SER A 170 2.92 10.40 -26.82
C SER A 170 1.43 10.27 -27.13
N CYS A 171 0.99 9.07 -27.52
CA CYS A 171 -0.38 8.75 -28.02
C CYS A 171 -1.16 7.95 -26.99
N GLU A 172 -2.49 7.95 -27.09
CA GLU A 172 -3.37 7.07 -26.28
C GLU A 172 -4.28 6.28 -27.21
N TRP A 173 -3.87 6.13 -28.47
CA TRP A 173 -4.61 5.47 -29.57
C TRP A 173 -5.03 4.05 -29.17
N PRO A 174 -4.11 3.18 -28.70
CA PRO A 174 -4.48 1.82 -28.37
C PRO A 174 -5.50 1.77 -27.23
N LEU A 175 -5.23 2.49 -26.13
CA LEU A 175 -6.13 2.53 -24.95
C LEU A 175 -7.58 2.81 -25.39
N TYR A 176 -7.82 3.80 -26.25
CA TYR A 176 -9.19 4.23 -26.65
C TYR A 176 -9.81 3.29 -27.68
N MET A 177 -8.97 2.58 -28.43
CA MET A 177 -9.39 1.60 -29.46
C MET A 177 -9.80 0.28 -28.78
N TRP A 178 -9.00 -0.19 -27.82
CA TRP A 178 -9.04 -1.55 -27.21
C TRP A 178 -10.45 -2.03 -26.85
N PRO A 179 -11.37 -1.21 -26.29
CA PRO A 179 -12.72 -1.70 -26.01
C PRO A 179 -13.46 -2.23 -27.26
N PHE A 180 -13.14 -1.74 -28.47
CA PHE A 180 -13.96 -1.90 -29.70
C PHE A 180 -13.29 -2.80 -30.73
N GLN A 181 -11.98 -2.70 -30.92
CA GLN A 181 -11.21 -3.64 -31.77
C GLN A 181 -9.72 -3.65 -31.41
N LYS A 182 -9.08 -4.79 -31.65
CA LYS A 182 -7.65 -5.05 -31.36
C LYS A 182 -6.79 -4.05 -32.13
N PRO A 183 -6.00 -3.19 -31.46
CA PRO A 183 -5.16 -2.22 -32.17
C PRO A 183 -4.07 -2.90 -33.01
N ASN A 184 -3.67 -2.27 -34.11
CA ASN A 184 -2.55 -2.71 -34.97
C ASN A 184 -1.30 -1.95 -34.52
N TYR A 185 -0.46 -2.61 -33.73
CA TYR A 185 0.66 -1.95 -33.02
C TYR A 185 1.70 -1.51 -34.04
N THR A 186 1.87 -2.27 -35.12
CA THR A 186 2.80 -1.94 -36.23
C THR A 186 2.41 -0.57 -36.81
N GLU A 187 1.12 -0.33 -37.03
CA GLU A 187 0.64 0.99 -37.53
C GLU A 187 0.90 2.05 -36.43
N ILE A 188 0.48 1.77 -35.20
CA ILE A 188 0.59 2.74 -34.09
C ILE A 188 2.04 3.23 -33.99
N ARG A 189 3.03 2.32 -34.01
CA ARG A 189 4.47 2.67 -33.84
C ARG A 189 4.93 3.57 -35.00
N GLN A 190 4.45 3.33 -36.22
CA GLN A 190 4.78 4.15 -37.40
C GLN A 190 4.48 5.62 -37.11
N TYR A 191 3.48 5.91 -36.28
CA TYR A 191 3.02 7.29 -36.00
C TYR A 191 3.39 7.80 -34.60
N CYS A 192 3.81 6.96 -33.63
CA CYS A 192 3.88 7.35 -32.19
C CYS A 192 5.24 6.97 -31.56
N ASN A 193 5.81 7.88 -30.74
CA ASN A 193 7.06 7.57 -29.96
C ASN A 193 6.76 6.71 -28.74
N HIS A 194 5.57 6.84 -28.16
CA HIS A 194 5.04 5.88 -27.16
C HIS A 194 3.52 5.96 -27.13
N TRP A 195 2.91 4.92 -26.59
CA TRP A 195 1.44 4.74 -26.67
C TRP A 195 0.95 4.15 -25.35
N ARG A 196 -0.10 4.78 -24.79
CA ARG A 196 -0.78 4.27 -23.58
C ARG A 196 -1.63 3.06 -24.00
N ASN A 197 -1.50 1.96 -23.25
CA ASN A 197 -2.21 0.68 -23.47
C ASN A 197 -3.41 0.55 -22.54
N PHE A 198 -3.35 1.13 -21.32
CA PHE A 198 -4.19 0.72 -20.18
C PHE A 198 -4.69 1.93 -19.40
N ALA A 199 -5.72 1.70 -18.58
CA ALA A 199 -6.43 2.69 -17.73
C ALA A 199 -5.42 3.53 -16.92
N ASP A 200 -5.77 4.79 -16.69
CA ASP A 200 -4.99 5.75 -15.87
C ASP A 200 -4.58 5.10 -14.55
N ILE A 201 -3.30 5.27 -14.22
CA ILE A 201 -2.72 4.79 -12.94
C ILE A 201 -3.30 5.64 -11.77
N ASP A 202 -3.41 5.01 -10.59
CA ASP A 202 -3.73 5.60 -9.25
C ASP A 202 -2.52 5.48 -8.32
N ASP A 203 -2.60 6.15 -7.19
CA ASP A 203 -1.67 5.96 -6.05
C ASP A 203 -2.09 4.71 -5.25
N SER A 204 -2.05 3.54 -5.87
CA SER A 204 -2.40 2.25 -5.21
C SER A 204 -1.63 1.06 -5.81
N TRP A 205 -1.28 0.11 -4.94
CA TRP A 205 -0.79 -1.24 -5.29
C TRP A 205 -1.79 -1.94 -6.22
N LYS A 206 -3.09 -1.75 -6.05
CA LYS A 206 -4.09 -2.39 -6.95
C LYS A 206 -3.86 -1.94 -8.40
N SER A 207 -3.57 -0.66 -8.59
CA SER A 207 -3.33 -0.05 -9.91
C SER A 207 -2.07 -0.69 -10.52
N ILE A 208 -0.95 -0.65 -9.81
CA ILE A 208 0.31 -1.35 -10.22
C ILE A 208 0.00 -2.77 -10.69
N LYS A 209 -0.52 -3.64 -9.83
CA LYS A 209 -0.79 -5.07 -10.15
C LYS A 209 -1.65 -5.19 -11.41
N SER A 210 -2.65 -4.33 -11.53
CA SER A 210 -3.61 -4.46 -12.66
C SER A 210 -2.87 -4.11 -13.97
N ILE A 211 -1.93 -3.15 -13.91
CA ILE A 211 -1.09 -2.75 -15.08
C ILE A 211 -0.13 -3.89 -15.43
N LEU A 212 0.54 -4.48 -14.42
CA LEU A 212 1.45 -5.63 -14.66
C LEU A 212 0.64 -6.79 -15.26
N ASP A 213 -0.56 -7.06 -14.75
CA ASP A 213 -1.37 -8.22 -15.21
C ASP A 213 -1.83 -8.00 -16.63
N TRP A 214 -2.18 -6.77 -16.98
CA TRP A 214 -2.65 -6.46 -18.35
C TRP A 214 -1.50 -6.69 -19.32
N THR A 215 -0.31 -6.22 -18.96
CA THR A 215 0.90 -6.28 -19.79
C THR A 215 1.31 -7.74 -19.99
N SER A 216 1.36 -8.56 -18.94
CA SER A 216 1.79 -9.98 -19.07
C SER A 216 0.73 -10.76 -19.89
N PHE A 217 -0.53 -10.35 -19.86
CA PHE A 217 -1.63 -11.07 -20.57
C PHE A 217 -1.55 -10.75 -22.06
N ASN A 218 -1.13 -9.54 -22.40
CA ASN A 218 -1.10 -9.05 -23.78
C ASN A 218 0.33 -9.06 -24.34
N GLN A 219 1.26 -9.82 -23.73
CA GLN A 219 2.69 -9.64 -24.03
C GLN A 219 2.97 -10.14 -25.46
N GLU A 220 2.29 -11.21 -25.88
CA GLU A 220 2.43 -11.75 -27.27
C GLU A 220 2.21 -10.63 -28.29
N ARG A 221 1.38 -9.63 -27.98
CA ARG A 221 0.99 -8.63 -29.00
C ARG A 221 1.87 -7.38 -28.90
N ILE A 222 2.50 -7.10 -27.76
CA ILE A 222 3.05 -5.72 -27.55
C ILE A 222 4.57 -5.75 -27.39
N VAL A 223 5.16 -6.87 -26.96
CA VAL A 223 6.60 -6.84 -26.54
C VAL A 223 7.49 -6.58 -27.75
N ASP A 224 7.25 -7.28 -28.87
CA ASP A 224 8.23 -7.30 -30.00
C ASP A 224 8.13 -5.97 -30.75
N VAL A 225 7.03 -5.24 -30.70
CA VAL A 225 6.89 -3.97 -31.48
C VAL A 225 7.70 -2.87 -30.78
N ALA A 226 7.93 -2.95 -29.48
CA ALA A 226 8.67 -1.92 -28.75
C ALA A 226 10.14 -1.91 -29.20
N GLY A 227 10.79 -0.76 -29.17
CA GLY A 227 12.19 -0.58 -29.63
C GLY A 227 12.51 0.89 -29.83
N PRO A 228 13.79 1.25 -30.04
CA PRO A 228 14.19 2.64 -30.20
C PRO A 228 13.22 3.39 -31.11
N GLY A 229 12.63 4.49 -30.63
CA GLY A 229 11.67 5.34 -31.33
C GLY A 229 10.20 5.02 -31.02
N GLY A 230 9.92 3.90 -30.30
CA GLY A 230 8.53 3.44 -30.06
C GLY A 230 8.39 2.50 -28.87
N TRP A 231 7.71 2.94 -27.81
CA TRP A 231 7.59 2.20 -26.53
C TRP A 231 6.14 2.03 -26.09
N ASN A 232 5.89 0.92 -25.40
CA ASN A 232 4.65 0.71 -24.62
C ASN A 232 4.69 1.65 -23.41
N ASP A 233 3.59 2.34 -23.14
CA ASP A 233 3.53 3.30 -22.00
C ASP A 233 2.58 2.73 -20.95
N PRO A 234 3.10 2.20 -19.82
CA PRO A 234 2.25 1.70 -18.73
C PRO A 234 1.85 2.79 -17.71
N ASP A 235 2.05 4.06 -18.06
CA ASP A 235 1.68 5.26 -17.27
C ASP A 235 2.78 5.61 -16.25
N MET A 236 2.51 6.64 -15.45
CA MET A 236 3.48 7.38 -14.60
C MET A 236 4.01 6.53 -13.44
N LEU A 237 5.25 6.81 -13.04
CA LEU A 237 5.80 6.41 -11.74
C LEU A 237 5.08 7.23 -10.65
N VAL A 238 4.56 6.55 -9.63
CA VAL A 238 3.86 7.21 -8.48
C VAL A 238 4.70 7.09 -7.21
N ILE A 239 5.94 6.66 -7.35
CA ILE A 239 6.93 6.57 -6.23
C ILE A 239 7.09 7.98 -5.66
N GLY A 240 7.11 8.09 -4.33
CA GLY A 240 7.25 9.39 -3.62
C GLY A 240 5.92 9.99 -3.23
N ASN A 241 4.80 9.33 -3.52
CA ASN A 241 3.43 9.78 -3.13
C ASN A 241 3.03 9.07 -1.83
N PHE A 242 1.82 8.50 -1.73
CA PHE A 242 1.12 8.22 -0.46
C PHE A 242 0.65 6.76 -0.37
N GLY A 243 0.36 6.14 -1.52
CA GLY A 243 -0.47 4.91 -1.65
C GLY A 243 0.33 3.61 -1.71
N LEU A 244 1.65 3.70 -1.90
CA LEU A 244 2.53 2.51 -2.15
C LEU A 244 3.43 2.31 -0.94
N SER A 245 3.50 1.08 -0.42
CA SER A 245 4.58 0.69 0.51
C SER A 245 5.93 0.78 -0.20
N TRP A 246 7.00 0.79 0.58
CA TRP A 246 8.39 0.74 0.07
C TRP A 246 8.50 -0.41 -0.95
N ASN A 247 8.05 -1.60 -0.59
CA ASN A 247 8.20 -2.82 -1.39
C ASN A 247 7.42 -2.65 -2.70
N GLN A 248 6.27 -1.98 -2.67
CA GLN A 248 5.44 -1.73 -3.87
C GLN A 248 6.11 -0.68 -4.77
N GLN A 249 6.82 0.27 -4.16
CA GLN A 249 7.59 1.30 -4.90
C GLN A 249 8.74 0.64 -5.67
N VAL A 250 9.42 -0.31 -5.04
CA VAL A 250 10.55 -1.09 -5.62
C VAL A 250 9.99 -1.89 -6.79
N THR A 251 8.85 -2.54 -6.57
CA THR A 251 8.16 -3.27 -7.65
C THR A 251 7.89 -2.32 -8.80
N GLN A 252 7.34 -1.13 -8.57
CA GLN A 252 7.08 -0.24 -9.75
C GLN A 252 8.40 0.08 -10.46
N MET A 253 9.44 0.53 -9.75
CA MET A 253 10.73 0.93 -10.37
C MET A 253 11.34 -0.23 -11.15
N ALA A 254 11.41 -1.41 -10.56
CA ALA A 254 12.01 -2.62 -11.16
C ALA A 254 11.26 -2.98 -12.45
N LEU A 255 9.93 -3.05 -12.40
CA LEU A 255 9.17 -3.59 -13.56
C LEU A 255 9.09 -2.54 -14.67
N TRP A 256 9.14 -1.25 -14.34
CA TRP A 256 9.16 -0.18 -15.39
C TRP A 256 10.50 -0.24 -16.14
N ALA A 257 11.57 -0.64 -15.45
CA ALA A 257 12.89 -0.90 -16.07
C ALA A 257 12.80 -2.11 -17.00
N ILE A 258 12.21 -3.20 -16.52
CA ILE A 258 12.09 -4.46 -17.30
C ILE A 258 11.24 -4.18 -18.55
N MET A 259 10.17 -3.40 -18.43
CA MET A 259 9.19 -3.19 -19.52
C MET A 259 9.67 -2.11 -20.51
N ALA A 260 10.85 -1.50 -20.29
CA ALA A 260 11.38 -0.41 -21.15
C ALA A 260 10.30 0.64 -21.34
N ALA A 261 9.74 1.05 -20.21
CA ALA A 261 8.67 2.04 -20.09
C ALA A 261 9.29 3.42 -20.07
N PRO A 262 8.58 4.41 -20.64
CA PRO A 262 8.88 5.80 -20.31
C PRO A 262 8.77 5.93 -18.78
N LEU A 263 9.68 6.69 -18.19
CA LEU A 263 9.74 7.01 -16.75
C LEU A 263 9.29 8.46 -16.54
N PHE A 264 7.97 8.68 -16.46
CA PHE A 264 7.35 9.99 -16.08
C PHE A 264 6.92 9.92 -14.60
N MET A 265 7.76 10.49 -13.73
CA MET A 265 7.43 10.73 -12.31
C MET A 265 6.19 11.62 -12.28
N SER A 266 5.21 11.29 -11.45
CA SER A 266 4.15 12.26 -11.06
C SER A 266 4.16 12.32 -9.54
N ASN A 267 4.94 13.25 -9.00
CA ASN A 267 5.17 13.40 -7.55
C ASN A 267 5.38 14.89 -7.24
N ASP A 268 5.53 15.25 -5.97
CA ASP A 268 5.91 16.62 -5.55
C ASP A 268 7.42 16.61 -5.24
N LEU A 269 8.22 17.22 -6.11
CA LEU A 269 9.70 17.17 -5.97
C LEU A 269 10.13 18.06 -4.79
N ARG A 270 9.22 18.87 -4.27
CA ARG A 270 9.43 19.76 -3.08
C ARG A 270 9.31 18.96 -1.78
N HIS A 271 8.63 17.81 -1.81
CA HIS A 271 8.31 17.00 -0.59
C HIS A 271 8.41 15.53 -0.95
N ILE A 272 9.62 14.99 -0.95
CA ILE A 272 9.85 13.57 -1.32
C ILE A 272 10.89 13.02 -0.37
N SER A 273 10.64 11.84 0.20
CA SER A 273 11.54 11.16 1.15
C SER A 273 12.90 10.93 0.50
N PRO A 274 13.98 10.89 1.30
CA PRO A 274 15.28 10.46 0.78
C PRO A 274 15.22 9.08 0.08
N GLN A 275 14.45 8.14 0.65
CA GLN A 275 14.29 6.76 0.13
C GLN A 275 13.75 6.80 -1.30
N ALA A 276 12.63 7.49 -1.48
CA ALA A 276 11.92 7.62 -2.76
C ALA A 276 12.87 8.26 -3.78
N LYS A 277 13.64 9.26 -3.34
CA LYS A 277 14.55 10.01 -4.22
C LYS A 277 15.67 9.07 -4.70
N ALA A 278 16.28 8.30 -3.80
CA ALA A 278 17.40 7.39 -4.15
C ALA A 278 16.90 6.26 -5.05
N LEU A 279 15.69 5.72 -4.83
CA LEU A 279 15.11 4.67 -5.72
C LEU A 279 14.92 5.23 -7.13
N LEU A 280 14.30 6.40 -7.26
CA LEU A 280 14.01 7.02 -8.58
C LEU A 280 15.31 7.45 -9.27
N GLN A 281 16.37 7.72 -8.50
CA GLN A 281 17.68 8.20 -9.04
C GLN A 281 18.65 7.03 -9.13
N ASP A 282 18.18 5.80 -8.95
CA ASP A 282 19.09 4.62 -8.86
C ASP A 282 19.73 4.42 -10.24
N LYS A 283 21.02 4.73 -10.36
CA LYS A 283 21.83 4.79 -11.61
C LYS A 283 21.78 3.44 -12.35
N ASP A 284 21.93 2.33 -11.62
CA ASP A 284 22.02 0.97 -12.19
C ASP A 284 20.65 0.55 -12.73
N VAL A 285 19.58 0.90 -12.05
CA VAL A 285 18.21 0.53 -12.49
C VAL A 285 17.81 1.42 -13.66
N ILE A 286 18.18 2.70 -13.65
CA ILE A 286 17.87 3.60 -14.81
C ILE A 286 18.63 3.07 -16.03
N ALA A 287 19.89 2.64 -15.87
CA ALA A 287 20.72 2.08 -16.96
C ALA A 287 20.03 0.86 -17.57
N ILE A 288 19.33 0.05 -16.79
CA ILE A 288 18.52 -1.06 -17.35
C ILE A 288 17.36 -0.47 -18.17
N ASN A 289 16.60 0.46 -17.61
CA ASN A 289 15.47 1.08 -18.35
C ASN A 289 16.00 1.66 -19.67
N GLN A 290 17.18 2.29 -19.61
CA GLN A 290 17.76 3.11 -20.70
C GLN A 290 18.70 2.26 -21.59
N ASP A 291 18.70 0.94 -21.49
CA ASP A 291 19.59 0.08 -22.29
C ASP A 291 19.43 0.38 -23.78
N PRO A 292 20.53 0.73 -24.49
CA PRO A 292 20.46 1.22 -25.88
C PRO A 292 19.92 0.17 -26.87
N LEU A 293 20.04 -1.11 -26.57
CA LEU A 293 19.39 -2.20 -27.36
C LEU A 293 17.88 -1.97 -27.42
N GLY A 294 17.20 -1.55 -26.35
CA GLY A 294 15.78 -1.16 -26.44
C GLY A 294 14.86 -2.35 -26.68
N LYS A 295 15.17 -3.52 -26.12
CA LYS A 295 14.33 -4.75 -26.26
C LYS A 295 13.48 -4.88 -24.99
N GLN A 296 12.16 -4.76 -25.13
CA GLN A 296 11.25 -4.80 -23.97
C GLN A 296 11.34 -6.17 -23.30
N GLY A 297 11.30 -6.21 -21.96
CA GLY A 297 11.31 -7.47 -21.19
C GLY A 297 9.93 -8.09 -21.22
N TYR A 298 9.75 -9.21 -20.56
CA TYR A 298 8.48 -9.98 -20.65
C TYR A 298 8.36 -10.85 -19.40
N GLN A 299 7.18 -11.38 -19.16
CA GLN A 299 6.98 -12.34 -18.06
C GLN A 299 7.46 -13.72 -18.56
N LEU A 300 8.40 -14.33 -17.86
CA LEU A 300 8.92 -15.68 -18.17
C LEU A 300 8.03 -16.73 -17.53
N ARG A 301 7.61 -16.50 -16.27
CA ARG A 301 6.97 -17.51 -15.38
C ARG A 301 5.95 -16.83 -14.45
N GLN A 302 4.92 -17.56 -14.08
CA GLN A 302 3.90 -17.13 -13.11
C GLN A 302 3.40 -18.40 -12.42
N GLY A 303 3.35 -18.41 -11.10
CA GLY A 303 2.97 -19.60 -10.33
C GLY A 303 3.35 -19.47 -8.88
N ASP A 304 2.53 -20.04 -8.00
CA ASP A 304 2.75 -20.07 -6.53
C ASP A 304 2.83 -18.63 -6.05
N ASN A 305 2.01 -17.73 -6.63
CA ASN A 305 1.96 -16.29 -6.30
C ASN A 305 3.34 -15.64 -6.46
N PHE A 306 4.16 -16.18 -7.35
CA PHE A 306 5.45 -15.60 -7.81
C PHE A 306 5.31 -15.33 -9.31
N GLU A 307 5.97 -14.25 -9.75
CA GLU A 307 6.23 -13.93 -11.17
C GLU A 307 7.73 -13.79 -11.40
N VAL A 308 8.25 -14.34 -12.51
CA VAL A 308 9.63 -14.03 -13.00
C VAL A 308 9.50 -13.29 -14.32
N TRP A 309 10.11 -12.11 -14.41
CA TRP A 309 10.25 -11.31 -15.64
C TRP A 309 11.74 -11.19 -15.99
N GLU A 310 12.04 -11.06 -17.29
CA GLU A 310 13.43 -10.86 -17.75
C GLU A 310 13.44 -9.92 -18.96
N ARG A 311 14.54 -9.23 -19.11
CA ARG A 311 14.79 -8.33 -20.25
C ARG A 311 16.20 -8.59 -20.77
N PRO A 312 16.36 -8.81 -22.10
CA PRO A 312 17.69 -8.93 -22.70
C PRO A 312 18.30 -7.54 -22.78
N LEU A 313 19.58 -7.41 -22.42
CA LEU A 313 20.33 -6.12 -22.46
C LEU A 313 21.49 -6.20 -23.47
N SER A 314 22.14 -5.06 -23.72
CA SER A 314 23.41 -4.89 -24.46
C SER A 314 24.46 -5.83 -23.89
N GLY A 315 25.33 -6.35 -24.76
CA GLY A 315 26.58 -7.02 -24.36
C GLY A 315 26.35 -8.31 -23.59
N LEU A 316 25.34 -9.08 -23.97
CA LEU A 316 25.07 -10.43 -23.38
C LEU A 316 24.63 -10.31 -21.91
N ALA A 317 24.18 -9.15 -21.44
CA ALA A 317 23.60 -9.01 -20.09
C ALA A 317 22.08 -9.24 -20.15
N TRP A 318 21.52 -9.67 -19.03
CA TRP A 318 20.06 -9.79 -18.77
C TRP A 318 19.73 -9.14 -17.42
N ALA A 319 18.55 -8.52 -17.34
CA ALA A 319 17.86 -8.12 -16.11
C ALA A 319 16.81 -9.20 -15.80
N VAL A 320 16.73 -9.64 -14.55
CA VAL A 320 15.69 -10.59 -14.05
C VAL A 320 15.00 -9.97 -12.83
N ALA A 321 13.67 -9.92 -12.85
CA ALA A 321 12.82 -9.42 -11.75
C ALA A 321 12.02 -10.61 -11.20
N MET A 322 11.94 -10.72 -9.87
CA MET A 322 11.13 -11.78 -9.20
C MET A 322 10.21 -11.08 -8.22
N ILE A 323 8.91 -11.18 -8.48
CA ILE A 323 7.81 -10.53 -7.72
C ILE A 323 7.19 -11.57 -6.80
N ASN A 324 6.97 -11.20 -5.53
CA ASN A 324 6.13 -11.99 -4.60
C ASN A 324 4.72 -11.38 -4.59
N ARG A 325 3.72 -12.06 -5.17
CA ARG A 325 2.33 -11.51 -5.25
C ARG A 325 1.49 -12.00 -4.06
N GLN A 326 2.08 -12.71 -3.10
CA GLN A 326 1.35 -13.17 -1.90
C GLN A 326 1.36 -12.04 -0.85
N GLU A 327 0.19 -11.50 -0.50
CA GLU A 327 0.08 -10.28 0.36
C GLU A 327 -0.24 -10.69 1.80
N ILE A 328 0.40 -11.75 2.30
CA ILE A 328 0.27 -12.21 3.72
C ILE A 328 1.58 -12.89 4.09
N GLY A 329 2.01 -12.85 5.34
CA GLY A 329 3.23 -13.56 5.76
C GLY A 329 4.48 -12.72 5.55
N GLY A 330 5.62 -13.39 5.40
CA GLY A 330 6.97 -12.80 5.39
C GLY A 330 7.70 -13.10 4.09
N PRO A 331 9.01 -12.75 4.00
CA PRO A 331 9.81 -12.99 2.80
C PRO A 331 9.71 -14.47 2.42
N ARG A 332 9.33 -14.73 1.17
CA ARG A 332 9.05 -16.09 0.69
C ARG A 332 10.21 -16.53 -0.22
N SER A 333 10.67 -17.76 -0.05
CA SER A 333 11.79 -18.33 -0.84
C SER A 333 11.33 -18.68 -2.25
N TYR A 334 12.12 -18.26 -3.25
CA TYR A 334 11.96 -18.64 -4.68
C TYR A 334 13.32 -19.11 -5.24
N THR A 335 13.31 -20.22 -5.96
CA THR A 335 14.53 -20.75 -6.63
C THR A 335 14.19 -21.01 -8.10
N ILE A 336 15.15 -20.74 -8.98
CA ILE A 336 15.02 -21.06 -10.43
C ILE A 336 16.41 -21.47 -10.93
N ALA A 337 16.45 -22.48 -11.81
CA ALA A 337 17.67 -22.86 -12.57
C ALA A 337 18.16 -21.63 -13.35
N VAL A 338 19.43 -21.25 -13.26
CA VAL A 338 19.90 -20.07 -14.05
C VAL A 338 19.91 -20.45 -15.54
N ALA A 339 19.89 -21.73 -15.89
CA ALA A 339 19.80 -22.18 -17.30
C ALA A 339 18.42 -21.84 -17.87
N SER A 340 17.41 -21.57 -17.01
CA SER A 340 16.03 -21.26 -17.46
C SER A 340 15.93 -19.77 -17.80
N LEU A 341 16.95 -18.99 -17.42
CA LEU A 341 16.98 -17.51 -17.56
C LEU A 341 17.65 -17.11 -18.86
N GLY A 342 17.22 -15.98 -19.43
CA GLY A 342 17.81 -15.40 -20.65
C GLY A 342 17.93 -16.43 -21.76
N LYS A 343 16.93 -17.29 -21.91
CA LYS A 343 16.75 -18.23 -23.06
C LYS A 343 17.87 -19.28 -23.08
N GLY A 344 18.57 -19.49 -21.98
CA GLY A 344 19.60 -20.54 -21.88
C GLY A 344 20.99 -19.98 -22.12
N VAL A 345 21.09 -18.68 -22.38
CA VAL A 345 22.33 -18.01 -22.88
C VAL A 345 22.99 -17.15 -21.81
N ALA A 346 22.21 -16.56 -20.90
CA ALA A 346 22.67 -15.65 -19.83
C ALA A 346 23.81 -16.31 -19.05
N CYS A 347 23.64 -17.57 -18.65
CA CYS A 347 24.56 -18.26 -17.71
C CYS A 347 25.21 -19.50 -18.33
N ASN A 348 25.46 -19.47 -19.65
CA ASN A 348 26.21 -20.53 -20.38
C ASN A 348 27.52 -19.91 -20.86
N PRO A 349 28.70 -20.31 -20.36
CA PRO A 349 28.84 -21.37 -19.34
C PRO A 349 28.61 -20.90 -17.89
N ALA A 350 28.59 -19.58 -17.68
CA ALA A 350 28.44 -18.96 -16.34
C ALA A 350 28.07 -17.48 -16.49
N CYS A 351 27.59 -16.91 -15.39
CA CYS A 351 27.25 -15.47 -15.29
C CYS A 351 27.67 -14.98 -13.91
N PHE A 352 28.09 -13.73 -13.82
CA PHE A 352 28.15 -13.00 -12.55
C PHE A 352 26.78 -12.33 -12.35
N ILE A 353 26.20 -12.52 -11.16
CA ILE A 353 24.86 -11.98 -10.80
C ILE A 353 25.05 -10.93 -9.73
N THR A 354 24.53 -9.74 -9.99
CA THR A 354 24.41 -8.62 -9.03
C THR A 354 22.93 -8.39 -8.74
N GLN A 355 22.52 -8.42 -7.47
CA GLN A 355 21.22 -7.88 -7.03
C GLN A 355 21.32 -6.36 -7.04
N LEU A 356 20.29 -5.69 -7.56
CA LEU A 356 20.23 -4.20 -7.66
C LEU A 356 19.19 -3.66 -6.68
N LEU A 357 18.03 -4.34 -6.58
CA LEU A 357 16.89 -4.00 -5.70
C LEU A 357 16.48 -5.25 -4.93
N PRO A 358 16.02 -5.16 -3.66
CA PRO A 358 15.85 -3.89 -2.98
C PRO A 358 17.13 -3.16 -2.57
N VAL A 359 18.25 -3.88 -2.47
CA VAL A 359 19.61 -3.30 -2.24
C VAL A 359 20.59 -3.94 -3.20
N LYS A 360 21.69 -3.23 -3.47
CA LYS A 360 22.83 -3.69 -4.29
C LYS A 360 23.67 -4.68 -3.49
N ARG A 361 23.76 -5.92 -3.95
CA ARG A 361 24.68 -6.97 -3.44
C ARG A 361 25.21 -7.76 -4.63
N LYS A 362 26.54 -7.92 -4.72
CA LYS A 362 27.17 -8.93 -5.61
C LYS A 362 26.83 -10.29 -5.03
N LEU A 363 26.23 -11.18 -5.82
CA LEU A 363 25.88 -12.55 -5.37
C LEU A 363 26.98 -13.52 -5.80
N GLY A 364 27.74 -13.16 -6.85
CA GLY A 364 28.92 -13.91 -7.34
C GLY A 364 28.64 -14.66 -8.62
N PHE A 365 29.47 -15.67 -8.89
CA PHE A 365 29.48 -16.48 -10.13
C PHE A 365 28.48 -17.62 -10.01
N TYR A 366 27.64 -17.78 -11.04
CA TYR A 366 26.67 -18.88 -11.18
C TYR A 366 27.11 -19.66 -12.43
N GLU A 367 27.23 -20.98 -12.29
CA GLU A 367 27.53 -21.91 -13.42
C GLU A 367 26.20 -22.20 -14.13
N TRP A 368 26.27 -22.71 -15.35
CA TRP A 368 25.09 -23.07 -16.18
C TRP A 368 24.25 -24.11 -15.42
N THR A 369 24.86 -24.87 -14.51
CA THR A 369 24.19 -25.94 -13.72
C THR A 369 23.45 -25.35 -12.51
N SER A 370 23.71 -24.09 -12.17
CA SER A 370 23.37 -23.49 -10.85
C SER A 370 21.87 -23.20 -10.72
N ARG A 371 21.43 -23.00 -9.48
CA ARG A 371 20.09 -22.47 -9.13
C ARG A 371 20.26 -21.17 -8.34
N LEU A 372 19.51 -20.16 -8.72
CA LEU A 372 19.40 -18.89 -7.98
C LEU A 372 18.28 -19.05 -6.92
N ARG A 373 18.60 -18.80 -5.65
CA ARG A 373 17.62 -18.79 -4.54
C ARG A 373 17.49 -17.37 -3.99
N SER A 374 16.27 -16.88 -3.83
CA SER A 374 16.03 -15.52 -3.32
C SER A 374 14.85 -15.49 -2.34
N HIS A 375 14.90 -14.64 -1.34
CA HIS A 375 13.75 -14.34 -0.43
C HIS A 375 13.13 -13.04 -0.93
N ILE A 376 11.83 -13.05 -1.23
CA ILE A 376 11.15 -11.87 -1.83
C ILE A 376 10.01 -11.42 -0.89
N ASN A 377 10.06 -10.15 -0.51
CA ASN A 377 9.08 -9.52 0.40
C ASN A 377 7.71 -9.55 -0.27
N PRO A 378 6.63 -9.76 0.51
CA PRO A 378 5.28 -9.60 -0.02
C PRO A 378 5.07 -8.25 -0.72
N THR A 379 4.64 -8.31 -1.99
CA THR A 379 4.37 -7.18 -2.91
C THR A 379 5.69 -6.53 -3.36
N GLY A 380 6.82 -7.12 -2.96
CA GLY A 380 8.16 -6.67 -3.36
C GLY A 380 8.68 -7.42 -4.59
N THR A 381 9.81 -6.94 -5.10
CA THR A 381 10.53 -7.46 -6.27
C THR A 381 12.01 -7.53 -5.92
N VAL A 382 12.68 -8.60 -6.35
CA VAL A 382 14.16 -8.69 -6.41
C VAL A 382 14.54 -8.48 -7.87
N LEU A 383 15.37 -7.47 -8.14
CA LEU A 383 15.88 -7.18 -9.49
C LEU A 383 17.35 -7.57 -9.52
N LEU A 384 17.74 -8.36 -10.52
CA LEU A 384 19.12 -8.85 -10.70
C LEU A 384 19.63 -8.45 -12.07
N GLN A 385 20.94 -8.28 -12.17
CA GLN A 385 21.66 -8.12 -13.46
C GLN A 385 22.59 -9.31 -13.61
N LEU A 386 22.47 -10.01 -14.73
CA LEU A 386 23.30 -11.18 -15.12
C LEU A 386 24.29 -10.71 -16.19
N GLU A 387 25.59 -10.99 -15.98
CA GLU A 387 26.69 -10.69 -16.94
C GLU A 387 27.31 -12.03 -17.34
N ASN A 388 27.22 -12.38 -18.62
CA ASN A 388 27.76 -13.66 -19.14
C ASN A 388 29.28 -13.57 -19.00
N THR A 389 29.90 -14.67 -18.59
CA THR A 389 31.34 -14.75 -18.28
C THR A 389 32.16 -14.65 -19.57
N MET A 390 31.55 -14.96 -20.72
CA MET A 390 32.13 -14.95 -22.11
C MET A 390 32.95 -16.22 -22.32
N LEU B 1 -17.01 -10.59 29.41
CA LEU B 1 -16.66 -11.65 30.40
C LEU B 1 -16.15 -11.01 31.70
N ASP B 2 -16.82 -11.29 32.83
CA ASP B 2 -16.47 -10.72 34.15
C ASP B 2 -15.51 -11.66 34.88
N ASN B 3 -14.30 -11.81 34.34
CA ASN B 3 -13.16 -12.53 34.96
C ASN B 3 -12.15 -11.52 35.52
N GLY B 4 -12.50 -10.22 35.55
CA GLY B 4 -11.58 -9.17 36.03
C GLY B 4 -10.46 -8.84 35.04
N LEU B 5 -10.48 -9.42 33.84
CA LEU B 5 -9.40 -9.21 32.82
C LEU B 5 -9.90 -8.30 31.69
N ALA B 6 -8.94 -7.67 31.00
CA ALA B 6 -9.19 -6.89 29.77
C ALA B 6 -10.12 -5.72 30.11
N ARG B 7 -9.79 -4.98 31.17
CA ARG B 7 -10.55 -3.79 31.61
C ARG B 7 -10.26 -2.68 30.59
N THR B 8 -9.07 -2.74 29.97
CA THR B 8 -8.73 -2.03 28.70
C THR B 8 -8.45 -3.07 27.62
N PRO B 9 -8.48 -2.68 26.32
CA PRO B 9 -8.17 -3.63 25.26
C PRO B 9 -6.79 -4.27 25.47
N THR B 10 -6.72 -5.59 25.34
CA THR B 10 -5.47 -6.38 25.51
C THR B 10 -4.45 -5.95 24.44
N MET B 11 -3.19 -5.78 24.86
CA MET B 11 -2.05 -5.39 23.99
C MET B 11 -1.00 -6.51 24.02
N GLY B 12 -0.39 -6.77 22.86
CA GLY B 12 0.63 -7.81 22.72
C GLY B 12 1.02 -8.05 21.29
N TRP B 13 1.56 -9.25 21.07
CA TRP B 13 2.17 -9.74 19.82
C TRP B 13 1.62 -11.14 19.58
N LEU B 14 1.22 -11.39 18.34
CA LEU B 14 0.66 -12.67 17.86
C LEU B 14 1.36 -13.02 16.55
N HIS B 15 1.76 -14.28 16.35
CA HIS B 15 2.67 -14.70 15.25
C HIS B 15 1.91 -14.84 13.92
N TRP B 16 0.59 -15.02 13.94
CA TRP B 16 -0.14 -15.57 12.77
C TRP B 16 0.14 -14.79 11.46
N GLU B 17 -0.12 -13.49 11.40
CA GLU B 17 -0.12 -12.80 10.09
C GLU B 17 1.29 -12.88 9.45
N ARG B 18 2.34 -12.62 10.22
CA ARG B 18 3.72 -12.55 9.68
C ARG B 18 4.31 -13.96 9.54
N PHE B 19 4.03 -14.89 10.45
CA PHE B 19 4.74 -16.21 10.44
C PHE B 19 3.85 -17.37 9.97
N MET B 20 2.53 -17.21 10.03
CA MET B 20 1.52 -18.17 9.52
C MET B 20 1.81 -19.58 10.09
N CYS B 21 1.71 -20.63 9.27
CA CYS B 21 1.87 -22.04 9.67
C CYS B 21 3.16 -22.62 9.09
N ASN B 22 4.28 -21.89 9.20
CA ASN B 22 5.56 -22.30 8.60
C ASN B 22 6.17 -23.40 9.47
N LEU B 23 6.11 -24.67 9.02
CA LEU B 23 6.65 -25.83 9.76
C LEU B 23 8.05 -26.21 9.27
N ASP B 24 8.59 -25.55 8.24
CA ASP B 24 9.88 -25.94 7.61
C ASP B 24 11.07 -25.29 8.35
N CYS B 25 11.47 -25.89 9.47
CA CYS B 25 12.61 -25.37 10.28
C CYS B 25 13.94 -25.68 9.60
N GLN B 26 13.98 -26.60 8.63
CA GLN B 26 15.25 -26.99 7.97
C GLN B 26 15.59 -25.93 6.92
N GLU B 27 14.62 -25.54 6.11
CA GLU B 27 14.83 -24.63 4.96
C GLU B 27 14.49 -23.18 5.33
N GLU B 28 13.64 -22.94 6.35
CA GLU B 28 13.14 -21.59 6.71
C GLU B 28 13.23 -21.38 8.23
N PRO B 29 14.40 -21.60 8.86
CA PRO B 29 14.49 -21.55 10.32
C PRO B 29 14.11 -20.21 10.96
N ASP B 30 14.34 -19.07 10.28
CA ASP B 30 14.10 -17.74 10.89
C ASP B 30 12.59 -17.43 10.91
N SER B 31 11.77 -18.20 10.19
CA SER B 31 10.32 -17.93 10.07
C SER B 31 9.46 -19.13 10.50
N CYS B 32 10.06 -20.24 10.94
CA CYS B 32 9.26 -21.42 11.34
C CYS B 32 8.75 -21.21 12.78
N ILE B 33 7.60 -21.80 13.09
CA ILE B 33 6.99 -21.69 14.44
C ILE B 33 7.69 -22.66 15.39
N SER B 34 8.62 -22.09 16.16
CA SER B 34 9.55 -22.79 17.09
C SER B 34 9.59 -22.01 18.41
N GLU B 35 9.92 -22.70 19.50
CA GLU B 35 10.13 -22.07 20.83
C GLU B 35 11.16 -20.93 20.67
N LYS B 36 12.15 -21.11 19.80
CA LYS B 36 13.30 -20.16 19.67
C LYS B 36 12.77 -18.81 19.17
N LEU B 37 11.86 -18.84 18.19
CA LEU B 37 11.18 -17.63 17.66
C LEU B 37 10.52 -16.86 18.82
N PHE B 38 9.76 -17.54 19.66
CA PHE B 38 9.01 -16.92 20.79
C PHE B 38 9.99 -16.40 21.83
N MET B 39 10.97 -17.22 22.22
CA MET B 39 12.05 -16.80 23.15
C MET B 39 12.71 -15.51 22.61
N GLU B 40 13.10 -15.48 21.33
CA GLU B 40 13.80 -14.30 20.79
C GLU B 40 12.85 -13.10 20.81
N MET B 41 11.59 -13.32 20.44
CA MET B 41 10.56 -12.26 20.35
C MET B 41 10.30 -11.70 21.76
N ALA B 42 10.25 -12.59 22.77
CA ALA B 42 10.12 -12.23 24.20
C ALA B 42 11.25 -11.27 24.57
N GLU B 43 12.51 -11.67 24.34
CA GLU B 43 13.69 -10.83 24.71
C GLU B 43 13.52 -9.43 24.12
N LEU B 44 13.13 -9.35 22.84
CA LEU B 44 13.09 -8.04 22.13
C LEU B 44 11.89 -7.23 22.63
N MET B 45 10.82 -7.89 23.08
CA MET B 45 9.65 -7.19 23.68
C MET B 45 10.15 -6.43 24.91
N VAL B 46 11.04 -7.04 25.70
CA VAL B 46 11.65 -6.34 26.87
C VAL B 46 12.60 -5.25 26.36
N SER B 47 13.65 -5.62 25.61
CA SER B 47 14.83 -4.77 25.37
C SER B 47 14.51 -3.62 24.40
N GLU B 48 13.49 -3.75 23.53
CA GLU B 48 13.22 -2.73 22.48
C GLU B 48 12.01 -1.86 22.83
N GLY B 49 11.51 -1.92 24.07
CA GLY B 49 10.58 -0.91 24.63
C GLY B 49 9.12 -1.31 24.51
N TRP B 50 8.83 -2.50 23.99
CA TRP B 50 7.45 -2.95 23.68
C TRP B 50 6.66 -3.15 24.98
N LYS B 51 7.26 -3.82 25.98
CA LYS B 51 6.58 -4.07 27.28
C LYS B 51 6.29 -2.72 27.95
N ASP B 52 7.29 -1.84 27.98
CA ASP B 52 7.15 -0.46 28.51
C ASP B 52 5.97 0.25 27.85
N ALA B 53 5.65 0.00 26.58
CA ALA B 53 4.59 0.75 25.84
C ALA B 53 3.23 0.12 26.11
N GLY B 54 3.19 -1.11 26.64
CA GLY B 54 1.96 -1.80 27.06
C GLY B 54 1.77 -3.17 26.42
N TYR B 55 2.60 -3.54 25.44
CA TYR B 55 2.51 -4.85 24.73
C TYR B 55 3.11 -5.90 25.69
N GLU B 56 2.24 -6.74 26.23
CA GLU B 56 2.46 -7.52 27.48
C GLU B 56 2.26 -9.00 27.19
N TYR B 57 1.30 -9.35 26.34
CA TYR B 57 0.97 -10.74 25.95
C TYR B 57 1.81 -11.18 24.73
N LEU B 58 2.65 -12.19 24.91
CA LEU B 58 3.35 -12.91 23.80
C LEU B 58 2.50 -14.13 23.45
N CYS B 59 1.90 -14.17 22.27
CA CYS B 59 0.85 -15.15 21.93
C CYS B 59 1.27 -16.06 20.77
N ILE B 60 1.07 -17.37 20.99
CA ILE B 60 1.25 -18.42 19.96
C ILE B 60 -0.10 -18.61 19.28
N ASP B 61 -0.11 -18.69 17.95
CA ASP B 61 -1.32 -18.93 17.15
C ASP B 61 -1.32 -20.40 16.74
N ASP B 62 -1.96 -20.74 15.64
CA ASP B 62 -2.05 -22.14 15.14
C ASP B 62 -0.63 -22.71 14.91
N CYS B 63 -0.49 -24.04 14.96
CA CYS B 63 0.69 -24.83 14.51
C CYS B 63 1.80 -24.86 15.57
N TRP B 64 1.44 -24.87 16.86
CA TRP B 64 2.38 -25.06 17.99
C TRP B 64 2.45 -26.55 18.39
N MET B 65 1.45 -27.37 18.03
CA MET B 65 1.21 -28.69 18.68
C MET B 65 1.69 -29.86 17.81
N ALA B 66 1.96 -30.99 18.47
CA ALA B 66 2.19 -32.32 17.85
C ALA B 66 0.96 -32.73 17.05
N PRO B 67 1.11 -33.58 16.00
CA PRO B 67 -0.03 -33.98 15.18
C PRO B 67 -1.11 -34.81 15.89
N GLN B 68 -0.80 -35.38 17.07
CA GLN B 68 -1.72 -36.26 17.85
C GLN B 68 -1.59 -35.93 19.34
N ARG B 69 -2.61 -36.29 20.13
CA ARG B 69 -2.61 -36.14 21.62
C ARG B 69 -1.76 -37.27 22.24
N ASP B 70 -1.19 -37.05 23.43
CA ASP B 70 -0.38 -38.05 24.18
C ASP B 70 -1.27 -39.24 24.59
N SER B 71 -0.66 -40.26 25.20
CA SER B 71 -1.32 -41.48 25.77
C SER B 71 -2.48 -41.07 26.67
N GLU B 72 -2.26 -40.05 27.52
CA GLU B 72 -3.23 -39.56 28.52
C GLU B 72 -4.21 -38.56 27.89
N GLY B 73 -4.36 -38.54 26.57
CA GLY B 73 -5.41 -37.80 25.83
C GLY B 73 -5.26 -36.29 25.84
N ARG B 74 -4.11 -35.76 26.29
CA ARG B 74 -3.80 -34.31 26.35
C ARG B 74 -3.09 -33.87 25.05
N LEU B 75 -3.26 -32.60 24.67
CA LEU B 75 -2.45 -31.90 23.63
C LEU B 75 -0.96 -31.90 24.07
N GLN B 76 -0.03 -31.93 23.12
CA GLN B 76 1.42 -31.79 23.44
C GLN B 76 2.06 -30.80 22.47
N ALA B 77 3.01 -30.00 22.96
CA ALA B 77 3.90 -29.18 22.12
C ALA B 77 4.53 -30.11 21.08
N ASP B 78 4.70 -29.64 19.84
CA ASP B 78 5.49 -30.36 18.82
C ASP B 78 6.88 -30.65 19.40
N PRO B 79 7.34 -31.92 19.42
CA PRO B 79 8.63 -32.26 20.00
C PRO B 79 9.84 -31.69 19.22
N GLN B 80 9.73 -31.57 17.89
CA GLN B 80 10.86 -31.07 17.05
C GLN B 80 11.01 -29.54 17.26
N ARG B 81 9.92 -28.78 17.18
CA ARG B 81 9.95 -27.29 17.10
C ARG B 81 9.87 -26.69 18.51
N PHE B 82 9.24 -27.39 19.46
CA PHE B 82 9.09 -26.99 20.88
C PHE B 82 9.60 -28.11 21.79
N PRO B 83 10.87 -28.57 21.66
CA PRO B 83 11.37 -29.69 22.45
C PRO B 83 11.28 -29.47 23.97
N HIS B 84 11.35 -28.23 24.45
CA HIS B 84 11.37 -27.90 25.90
C HIS B 84 9.95 -27.65 26.47
N GLY B 85 8.89 -27.82 25.68
CA GLY B 85 7.48 -27.82 26.12
C GLY B 85 6.96 -26.44 26.49
N ILE B 86 5.63 -26.30 26.62
CA ILE B 86 4.93 -25.01 26.89
C ILE B 86 5.30 -24.50 28.29
N ARG B 87 5.39 -25.39 29.28
CA ARG B 87 5.64 -25.03 30.70
C ARG B 87 6.91 -24.18 30.78
N GLN B 88 7.99 -24.63 30.14
CA GLN B 88 9.32 -23.96 30.21
C GLN B 88 9.30 -22.66 29.39
N LEU B 89 8.59 -22.62 28.25
CA LEU B 89 8.43 -21.33 27.49
C LEU B 89 7.68 -20.33 28.39
N ALA B 90 6.61 -20.80 29.06
CA ALA B 90 5.81 -20.00 30.02
C ALA B 90 6.71 -19.41 31.12
N ASN B 91 7.63 -20.21 31.69
CA ASN B 91 8.57 -19.74 32.76
C ASN B 91 9.47 -18.64 32.17
N TYR B 92 9.95 -18.84 30.95
CA TYR B 92 10.87 -17.89 30.26
C TYR B 92 10.13 -16.57 30.09
N VAL B 93 8.94 -16.67 29.47
CA VAL B 93 8.05 -15.50 29.20
C VAL B 93 7.70 -14.79 30.51
N HIS B 94 7.29 -15.54 31.56
CA HIS B 94 6.97 -14.95 32.89
C HIS B 94 8.23 -14.28 33.46
N SER B 95 9.42 -14.85 33.25
CA SER B 95 10.67 -14.39 33.88
C SER B 95 11.02 -13.00 33.34
N LYS B 96 10.44 -12.61 32.19
CA LYS B 96 10.73 -11.35 31.46
C LYS B 96 9.70 -10.27 31.82
N GLY B 97 8.64 -10.63 32.55
CA GLY B 97 7.56 -9.72 32.95
C GLY B 97 6.39 -9.75 31.99
N LEU B 98 6.35 -10.71 31.07
CA LEU B 98 5.32 -10.80 30.02
C LEU B 98 4.41 -11.99 30.36
N LYS B 99 3.28 -12.10 29.67
CA LYS B 99 2.32 -13.21 29.80
C LYS B 99 2.29 -13.95 28.48
N LEU B 100 1.91 -15.23 28.52
CA LEU B 100 1.96 -16.13 27.34
C LEU B 100 0.53 -16.47 26.92
N GLY B 101 0.24 -16.24 25.64
CA GLY B 101 -0.98 -16.69 24.96
C GLY B 101 -0.73 -17.92 24.12
N ILE B 102 -1.75 -18.75 23.98
CA ILE B 102 -1.73 -19.98 23.15
C ILE B 102 -3.08 -20.02 22.41
N TYR B 103 -3.21 -20.95 21.50
CA TYR B 103 -4.29 -21.04 20.50
C TYR B 103 -4.92 -22.44 20.57
N ALA B 104 -6.21 -22.54 20.28
CA ALA B 104 -6.90 -23.83 20.05
C ALA B 104 -8.17 -23.59 19.24
N ASP B 105 -8.92 -24.65 18.96
CA ASP B 105 -10.09 -24.60 18.05
C ASP B 105 -11.23 -25.39 18.70
N VAL B 106 -12.41 -24.78 18.70
CA VAL B 106 -13.69 -25.30 19.29
C VAL B 106 -14.02 -26.63 18.61
N GLY B 107 -13.71 -26.73 17.31
CA GLY B 107 -14.12 -27.84 16.43
C GLY B 107 -13.24 -29.07 16.56
N ASN B 108 -13.23 -29.91 15.52
CA ASN B 108 -12.61 -31.26 15.56
C ASN B 108 -11.12 -31.16 15.22
N LYS B 109 -10.76 -30.24 14.32
CA LYS B 109 -9.37 -29.87 14.00
C LYS B 109 -9.22 -28.34 14.05
N THR B 110 -8.02 -27.85 14.37
CA THR B 110 -7.63 -26.42 14.17
C THR B 110 -7.73 -26.12 12.68
N CYS B 111 -7.86 -24.84 12.32
CA CYS B 111 -7.93 -24.40 10.90
C CYS B 111 -6.74 -24.96 10.12
N ALA B 112 -5.55 -25.07 10.74
CA ALA B 112 -4.32 -25.59 10.10
C ALA B 112 -4.40 -27.11 9.94
N GLY B 113 -5.20 -27.81 10.76
CA GLY B 113 -5.42 -29.26 10.63
C GLY B 113 -4.91 -30.04 11.82
N PHE B 114 -4.44 -29.37 12.88
CA PHE B 114 -3.96 -30.00 14.13
C PHE B 114 -5.15 -30.30 15.05
N PRO B 115 -4.96 -31.05 16.16
CA PRO B 115 -6.09 -31.54 16.97
C PRO B 115 -7.04 -30.45 17.50
N GLY B 116 -8.34 -30.58 17.17
CA GLY B 116 -9.44 -29.76 17.74
C GLY B 116 -9.62 -30.01 19.23
N SER B 117 -10.36 -29.15 19.92
CA SER B 117 -10.57 -29.21 21.39
C SER B 117 -11.91 -29.88 21.74
N PHE B 118 -12.80 -30.09 20.75
CA PHE B 118 -14.12 -30.76 20.95
C PHE B 118 -13.90 -32.16 21.53
N GLY B 119 -14.72 -32.52 22.51
CA GLY B 119 -14.56 -33.73 23.33
C GLY B 119 -13.58 -33.51 24.46
N TYR B 120 -12.73 -32.46 24.41
CA TYR B 120 -11.62 -32.28 25.38
C TYR B 120 -11.60 -30.88 26.02
N TYR B 121 -12.68 -30.09 25.92
CA TYR B 121 -12.72 -28.68 26.45
C TYR B 121 -12.11 -28.64 27.84
N ASP B 122 -12.50 -29.58 28.71
CA ASP B 122 -12.17 -29.55 30.16
C ASP B 122 -10.69 -29.90 30.38
N ILE B 123 -10.20 -30.95 29.73
CA ILE B 123 -8.78 -31.41 29.89
C ILE B 123 -7.84 -30.34 29.27
N ASP B 124 -8.17 -29.85 28.07
CA ASP B 124 -7.37 -28.83 27.33
C ASP B 124 -7.27 -27.57 28.20
N ALA B 125 -8.41 -27.09 28.70
CA ALA B 125 -8.50 -25.89 29.57
C ALA B 125 -7.58 -26.10 30.78
N GLN B 126 -7.59 -27.32 31.31
CA GLN B 126 -6.80 -27.69 32.51
C GLN B 126 -5.32 -27.81 32.11
N THR B 127 -5.03 -28.37 30.94
CA THR B 127 -3.64 -28.48 30.40
C THR B 127 -3.03 -27.08 30.35
N PHE B 128 -3.75 -26.12 29.74
CA PHE B 128 -3.27 -24.74 29.53
C PHE B 128 -2.94 -24.13 30.89
N ALA B 129 -3.84 -24.29 31.87
CA ALA B 129 -3.68 -23.74 33.24
C ALA B 129 -2.44 -24.35 33.90
N ASP B 130 -2.24 -25.67 33.80
CA ASP B 130 -1.02 -26.34 34.33
C ASP B 130 0.22 -25.67 33.71
N TRP B 131 0.20 -25.45 32.38
CA TRP B 131 1.36 -24.95 31.59
C TRP B 131 1.74 -23.53 32.04
N GLY B 132 0.75 -22.72 32.43
CA GLY B 132 0.98 -21.32 32.86
C GLY B 132 0.51 -20.33 31.79
N VAL B 133 -0.40 -20.76 30.92
CA VAL B 133 -1.00 -19.94 29.83
C VAL B 133 -1.82 -18.83 30.49
N ASP B 134 -1.70 -17.59 29.99
CA ASP B 134 -2.36 -16.38 30.55
C ASP B 134 -3.43 -15.86 29.58
N LEU B 135 -3.51 -16.44 28.38
CA LEU B 135 -4.49 -16.03 27.34
C LEU B 135 -4.76 -17.24 26.47
N LEU B 136 -6.00 -17.38 25.99
CA LEU B 136 -6.34 -18.37 24.94
C LEU B 136 -7.12 -17.68 23.81
N LYS B 137 -6.65 -17.87 22.59
CA LYS B 137 -7.36 -17.55 21.34
C LYS B 137 -7.95 -18.86 20.85
N PHE B 138 -9.22 -18.86 20.47
CA PHE B 138 -10.04 -20.07 20.26
C PHE B 138 -10.75 -19.94 18.92
N ASP B 139 -10.16 -20.52 17.89
CA ASP B 139 -10.66 -20.36 16.50
C ASP B 139 -11.87 -21.29 16.36
N GLY B 140 -12.55 -21.27 15.22
CA GLY B 140 -13.88 -21.89 15.05
C GLY B 140 -14.01 -22.78 13.83
N CYS B 141 -12.91 -23.27 13.26
CA CYS B 141 -12.96 -24.13 12.05
C CYS B 141 -13.41 -25.54 12.46
N TYR B 142 -13.90 -26.31 11.49
CA TYR B 142 -14.22 -27.75 11.64
C TYR B 142 -15.19 -27.94 12.81
N CYS B 143 -16.32 -27.22 12.75
CA CYS B 143 -17.45 -27.26 13.71
C CYS B 143 -18.77 -27.44 12.92
N ASP B 144 -19.60 -28.40 13.35
CA ASP B 144 -20.80 -28.90 12.62
C ASP B 144 -21.80 -27.75 12.41
N SER B 145 -22.30 -27.21 13.51
CA SER B 145 -23.56 -26.44 13.58
C SER B 145 -23.47 -25.36 14.66
N LEU B 146 -24.29 -24.32 14.51
CA LEU B 146 -24.54 -23.28 15.55
C LEU B 146 -24.53 -23.90 16.95
N GLU B 147 -25.22 -25.03 17.13
CA GLU B 147 -25.42 -25.64 18.48
C GLU B 147 -24.04 -25.95 19.06
N ASN B 148 -23.22 -26.71 18.32
CA ASN B 148 -21.84 -27.09 18.75
C ASN B 148 -20.98 -25.84 18.96
N LEU B 149 -20.92 -24.97 17.94
CA LEU B 149 -20.10 -23.73 17.96
C LEU B 149 -20.38 -22.98 19.27
N ALA B 150 -21.66 -22.63 19.47
CA ALA B 150 -22.19 -21.94 20.67
C ALA B 150 -21.80 -22.71 21.93
N ASP B 151 -22.16 -24.00 21.99
CA ASP B 151 -21.94 -24.87 23.17
C ASP B 151 -20.44 -24.95 23.49
N GLY B 152 -19.62 -25.23 22.47
CA GLY B 152 -18.15 -25.28 22.59
C GLY B 152 -17.60 -24.00 23.20
N TYR B 153 -17.93 -22.84 22.61
CA TYR B 153 -17.42 -21.53 23.08
C TYR B 153 -17.81 -21.32 24.55
N LYS B 154 -19.08 -21.60 24.87
CA LYS B 154 -19.63 -21.46 26.24
C LYS B 154 -18.93 -22.45 27.17
N HIS B 155 -18.69 -23.68 26.71
CA HIS B 155 -18.09 -24.77 27.53
C HIS B 155 -16.66 -24.39 27.93
N MET B 156 -15.82 -24.04 26.94
CA MET B 156 -14.38 -23.73 27.16
C MET B 156 -14.27 -22.53 28.09
N SER B 157 -15.17 -21.54 27.95
CA SER B 157 -15.26 -20.35 28.82
C SER B 157 -15.41 -20.77 30.27
N LEU B 158 -16.41 -21.60 30.56
CA LEU B 158 -16.68 -22.14 31.92
C LEU B 158 -15.49 -23.00 32.35
N ALA B 159 -15.04 -23.88 31.45
CA ALA B 159 -13.90 -24.80 31.70
C ALA B 159 -12.69 -24.00 32.17
N LEU B 160 -12.36 -22.89 31.48
CA LEU B 160 -11.20 -22.04 31.85
C LEU B 160 -11.44 -21.44 33.23
N ASN B 161 -12.66 -20.99 33.51
CA ASN B 161 -13.06 -20.48 34.85
C ASN B 161 -12.74 -21.52 35.94
N ARG B 162 -13.18 -22.78 35.74
CA ARG B 162 -13.10 -23.87 36.76
C ARG B 162 -11.63 -24.17 37.09
N THR B 163 -10.68 -23.82 36.21
CA THR B 163 -9.22 -23.95 36.48
C THR B 163 -8.83 -22.93 37.54
N GLY B 164 -9.73 -21.98 37.81
CA GLY B 164 -9.44 -20.82 38.66
C GLY B 164 -8.06 -20.21 38.38
N ARG B 165 -7.60 -20.19 37.12
CA ARG B 165 -6.47 -19.33 36.67
C ARG B 165 -7.02 -18.14 35.87
N SER B 166 -6.36 -16.98 36.02
CA SER B 166 -6.57 -15.77 35.19
C SER B 166 -6.08 -16.06 33.76
N ILE B 167 -7.02 -16.29 32.85
CA ILE B 167 -6.75 -16.56 31.41
C ILE B 167 -7.65 -15.65 30.57
N VAL B 168 -7.05 -14.70 29.86
CA VAL B 168 -7.80 -13.87 28.87
C VAL B 168 -8.36 -14.85 27.84
N TYR B 169 -9.64 -14.71 27.49
CA TYR B 169 -10.36 -15.65 26.60
C TYR B 169 -10.78 -14.85 25.38
N SER B 170 -10.21 -15.21 24.21
CA SER B 170 -10.34 -14.52 22.90
C SER B 170 -11.04 -15.47 21.93
N CYS B 171 -12.27 -15.14 21.53
CA CYS B 171 -13.24 -16.02 20.81
C CYS B 171 -13.37 -15.56 19.36
N GLU B 172 -13.82 -16.46 18.48
CA GLU B 172 -14.13 -16.13 17.06
C GLU B 172 -15.60 -16.54 16.78
N TRP B 173 -16.37 -16.63 17.87
CA TRP B 173 -17.79 -17.04 17.90
C TRP B 173 -18.59 -16.20 16.90
N PRO B 174 -18.59 -14.85 16.95
CA PRO B 174 -19.40 -14.06 16.02
C PRO B 174 -19.05 -14.31 14.56
N LEU B 175 -17.75 -14.51 14.27
CA LEU B 175 -17.21 -14.63 12.88
C LEU B 175 -17.70 -15.94 12.26
N TYR B 176 -17.70 -17.02 13.03
CA TYR B 176 -18.08 -18.37 12.53
C TYR B 176 -19.60 -18.55 12.61
N MET B 177 -20.33 -17.52 13.06
CA MET B 177 -21.82 -17.54 13.18
C MET B 177 -22.49 -16.95 11.94
N TRP B 178 -21.98 -15.81 11.42
CA TRP B 178 -22.57 -15.04 10.29
C TRP B 178 -23.03 -15.98 9.17
N PRO B 179 -22.21 -16.98 8.76
CA PRO B 179 -22.65 -17.98 7.77
C PRO B 179 -24.01 -18.62 8.00
N PHE B 180 -24.43 -18.81 9.26
CA PHE B 180 -25.72 -19.46 9.64
C PHE B 180 -26.75 -18.40 10.03
N GLN B 181 -26.50 -17.60 11.07
CA GLN B 181 -27.43 -16.51 11.51
C GLN B 181 -26.68 -15.35 12.17
N LYS B 182 -27.26 -14.14 12.12
CA LYS B 182 -26.78 -12.94 12.85
C LYS B 182 -26.35 -13.35 14.26
N PRO B 183 -25.19 -12.87 14.78
CA PRO B 183 -24.79 -13.13 16.17
C PRO B 183 -25.65 -12.38 17.20
N ASN B 184 -25.64 -12.84 18.45
CA ASN B 184 -26.20 -12.15 19.64
C ASN B 184 -25.03 -11.74 20.54
N TYR B 185 -24.79 -10.44 20.68
CA TYR B 185 -23.52 -9.90 21.23
C TYR B 185 -23.58 -9.89 22.76
N THR B 186 -24.74 -9.69 23.37
CA THR B 186 -24.86 -9.72 24.86
C THR B 186 -24.58 -11.14 25.37
N GLU B 187 -24.95 -12.18 24.62
CA GLU B 187 -24.59 -13.58 24.97
C GLU B 187 -23.06 -13.69 24.92
N ILE B 188 -22.44 -13.38 23.77
CA ILE B 188 -20.99 -13.53 23.47
C ILE B 188 -20.18 -12.78 24.53
N ARG B 189 -20.64 -11.59 24.90
CA ARG B 189 -20.01 -10.71 25.93
C ARG B 189 -19.93 -11.40 27.29
N GLN B 190 -20.91 -12.26 27.61
CA GLN B 190 -21.00 -12.93 28.95
C GLN B 190 -19.77 -13.83 29.11
N TYR B 191 -19.38 -14.49 28.02
CA TYR B 191 -18.41 -15.62 28.00
C TYR B 191 -17.01 -15.17 27.56
N CYS B 192 -16.87 -14.15 26.71
CA CYS B 192 -15.61 -13.79 25.99
C CYS B 192 -15.09 -12.39 26.39
N ASN B 193 -13.78 -12.27 26.67
CA ASN B 193 -13.09 -10.96 26.87
C ASN B 193 -12.89 -10.21 25.54
N HIS B 194 -12.84 -10.91 24.40
CA HIS B 194 -12.93 -10.24 23.07
C HIS B 194 -13.24 -11.26 21.99
N TRP B 195 -13.69 -10.76 20.85
CA TRP B 195 -14.34 -11.59 19.83
C TRP B 195 -14.06 -11.01 18.44
N ARG B 196 -13.48 -11.85 17.60
CA ARG B 196 -13.29 -11.58 16.15
C ARG B 196 -14.66 -11.53 15.50
N ASN B 197 -14.91 -10.48 14.70
CA ASN B 197 -16.19 -10.25 13.98
C ASN B 197 -16.05 -10.60 12.49
N PHE B 198 -14.85 -10.44 11.92
CA PHE B 198 -14.66 -10.35 10.45
C PHE B 198 -13.45 -11.18 10.00
N ALA B 199 -13.40 -11.48 8.70
CA ALA B 199 -12.35 -12.27 8.01
C ALA B 199 -10.93 -11.84 8.43
N ASP B 200 -10.03 -12.81 8.54
CA ASP B 200 -8.59 -12.64 8.92
C ASP B 200 -7.96 -11.51 8.08
N ILE B 201 -7.23 -10.61 8.72
CA ILE B 201 -6.49 -9.52 8.04
C ILE B 201 -5.32 -10.10 7.23
N ASP B 202 -4.87 -9.39 6.22
CA ASP B 202 -3.54 -9.65 5.61
C ASP B 202 -2.81 -8.32 5.39
N ASP B 203 -1.61 -8.40 4.83
CA ASP B 203 -0.69 -7.25 4.69
C ASP B 203 -1.13 -6.49 3.44
N SER B 204 -2.25 -5.76 3.50
CA SER B 204 -2.76 -4.97 2.36
C SER B 204 -3.70 -3.84 2.84
N TRP B 205 -3.59 -2.71 2.18
CA TRP B 205 -4.55 -1.58 2.29
C TRP B 205 -5.96 -2.12 2.04
N LYS B 206 -6.14 -2.97 1.03
CA LYS B 206 -7.48 -3.54 0.70
C LYS B 206 -8.10 -4.17 1.95
N SER B 207 -7.32 -4.91 2.72
CA SER B 207 -7.82 -5.67 3.89
C SER B 207 -8.18 -4.68 5.00
N ILE B 208 -7.38 -3.63 5.19
CA ILE B 208 -7.68 -2.58 6.19
C ILE B 208 -9.02 -1.94 5.83
N LYS B 209 -9.15 -1.54 4.58
CA LYS B 209 -10.36 -0.85 4.04
C LYS B 209 -11.57 -1.76 4.29
N SER B 210 -11.42 -3.06 4.06
CA SER B 210 -12.57 -3.97 4.10
C SER B 210 -12.97 -4.16 5.57
N ILE B 211 -12.01 -4.12 6.51
CA ILE B 211 -12.29 -4.21 7.97
C ILE B 211 -13.02 -2.96 8.44
N LEU B 212 -12.61 -1.75 8.00
CA LEU B 212 -13.25 -0.46 8.40
C LEU B 212 -14.67 -0.40 7.81
N ASP B 213 -14.83 -0.76 6.55
CA ASP B 213 -16.13 -0.66 5.83
C ASP B 213 -17.12 -1.63 6.47
N TRP B 214 -16.70 -2.83 6.85
CA TRP B 214 -17.58 -3.79 7.55
C TRP B 214 -17.97 -3.19 8.90
N THR B 215 -17.01 -2.59 9.61
CA THR B 215 -17.20 -2.04 10.96
C THR B 215 -18.21 -0.88 10.91
N SER B 216 -17.99 0.13 10.08
CA SER B 216 -18.89 1.29 9.97
C SER B 216 -20.29 0.82 9.51
N PHE B 217 -20.35 -0.09 8.55
CA PHE B 217 -21.64 -0.64 8.04
C PHE B 217 -22.43 -1.27 9.20
N ASN B 218 -21.75 -1.94 10.14
CA ASN B 218 -22.36 -2.82 11.15
C ASN B 218 -22.36 -2.15 12.52
N GLN B 219 -22.06 -0.85 12.61
CA GLN B 219 -21.63 -0.24 13.90
C GLN B 219 -22.78 -0.18 14.93
N GLU B 220 -24.02 0.06 14.49
CA GLU B 220 -25.22 0.06 15.37
C GLU B 220 -25.33 -1.29 16.11
N ARG B 221 -24.93 -2.39 15.47
CA ARG B 221 -25.03 -3.76 16.02
C ARG B 221 -23.92 -4.07 17.04
N ILE B 222 -22.76 -3.40 16.99
CA ILE B 222 -21.53 -3.89 17.72
C ILE B 222 -20.92 -2.84 18.64
N VAL B 223 -21.11 -1.53 18.40
CA VAL B 223 -20.35 -0.46 19.14
C VAL B 223 -20.73 -0.46 20.62
N ASP B 224 -22.02 -0.47 20.95
CA ASP B 224 -22.49 -0.27 22.35
C ASP B 224 -22.20 -1.52 23.21
N VAL B 225 -22.05 -2.70 22.61
CA VAL B 225 -21.82 -3.95 23.40
C VAL B 225 -20.38 -3.98 23.92
N ALA B 226 -19.49 -3.20 23.32
CA ALA B 226 -18.05 -3.14 23.67
C ALA B 226 -17.89 -2.32 24.95
N GLY B 227 -16.92 -2.69 25.80
CA GLY B 227 -16.63 -2.02 27.07
C GLY B 227 -15.70 -2.86 27.94
N PRO B 228 -15.29 -2.36 29.12
CA PRO B 228 -14.34 -3.09 29.96
C PRO B 228 -14.77 -4.56 30.13
N GLY B 229 -13.85 -5.49 29.88
CA GLY B 229 -14.06 -6.94 30.04
C GLY B 229 -14.51 -7.61 28.75
N GLY B 230 -14.93 -6.84 27.75
CA GLY B 230 -15.46 -7.35 26.47
C GLY B 230 -15.25 -6.37 25.34
N TRP B 231 -14.49 -6.78 24.31
CA TRP B 231 -14.10 -5.88 23.18
C TRP B 231 -14.39 -6.54 21.84
N ASN B 232 -14.74 -5.70 20.87
CA ASN B 232 -14.73 -6.04 19.43
C ASN B 232 -13.27 -6.23 19.00
N ASP B 233 -12.97 -7.29 18.26
CA ASP B 233 -11.61 -7.61 17.75
C ASP B 233 -11.59 -7.50 16.22
N PRO B 234 -11.03 -6.40 15.65
CA PRO B 234 -10.90 -6.24 14.20
C PRO B 234 -9.62 -6.86 13.58
N ASP B 235 -8.98 -7.77 14.32
CA ASP B 235 -7.78 -8.55 13.91
C ASP B 235 -6.50 -7.75 14.15
N MET B 236 -5.35 -8.31 13.75
CA MET B 236 -4.01 -7.91 14.27
C MET B 236 -3.57 -6.57 13.64
N LEU B 237 -2.72 -5.84 14.34
CA LEU B 237 -1.88 -4.77 13.74
C LEU B 237 -0.85 -5.39 12.80
N VAL B 238 -0.71 -4.83 11.60
CA VAL B 238 0.21 -5.37 10.56
C VAL B 238 1.22 -4.27 10.20
N ILE B 239 1.29 -3.23 11.02
CA ILE B 239 2.33 -2.17 10.91
C ILE B 239 3.70 -2.83 11.13
N GLY B 240 4.66 -2.48 10.27
CA GLY B 240 6.06 -2.91 10.35
C GLY B 240 6.36 -4.04 9.38
N ASN B 241 5.36 -4.48 8.60
CA ASN B 241 5.48 -5.53 7.57
C ASN B 241 5.72 -4.86 6.19
N PHE B 242 5.00 -5.24 5.13
CA PHE B 242 5.45 -4.98 3.73
C PHE B 242 4.40 -4.27 2.87
N GLY B 243 3.11 -4.39 3.20
CA GLY B 243 1.99 -4.15 2.27
C GLY B 243 1.37 -2.77 2.41
N LEU B 244 1.65 -2.08 3.51
CA LEU B 244 0.99 -0.80 3.88
C LEU B 244 2.00 0.32 3.67
N SER B 245 1.56 1.41 3.02
CA SER B 245 2.33 2.68 2.97
C SER B 245 2.32 3.32 4.36
N TRP B 246 3.19 4.29 4.57
CA TRP B 246 3.29 5.01 5.85
C TRP B 246 1.88 5.51 6.24
N ASN B 247 1.15 6.07 5.27
CA ASN B 247 -0.18 6.69 5.51
C ASN B 247 -1.17 5.61 5.89
N GLN B 248 -1.12 4.46 5.22
CA GLN B 248 -2.03 3.33 5.51
C GLN B 248 -1.67 2.74 6.89
N GLN B 249 -0.40 2.86 7.30
CA GLN B 249 0.05 2.37 8.63
C GLN B 249 -0.56 3.28 9.71
N VAL B 250 -0.43 4.60 9.53
CA VAL B 250 -1.05 5.64 10.39
C VAL B 250 -2.57 5.38 10.46
N THR B 251 -3.21 5.05 9.34
CA THR B 251 -4.67 4.78 9.31
C THR B 251 -4.96 3.58 10.22
N GLN B 252 -4.18 2.48 10.16
CA GLN B 252 -4.52 1.31 11.02
C GLN B 252 -4.40 1.70 12.49
N MET B 253 -3.30 2.35 12.88
CA MET B 253 -3.00 2.71 14.29
C MET B 253 -4.06 3.71 14.76
N ALA B 254 -4.30 4.81 14.02
CA ALA B 254 -5.35 5.79 14.34
C ALA B 254 -6.65 5.04 14.66
N LEU B 255 -7.10 4.15 13.77
CA LEU B 255 -8.51 3.68 13.82
C LEU B 255 -8.67 2.48 14.74
N TRP B 256 -7.59 1.77 15.03
CA TRP B 256 -7.63 0.68 16.04
C TRP B 256 -7.78 1.33 17.42
N ALA B 257 -7.22 2.53 17.61
CA ALA B 257 -7.43 3.37 18.81
C ALA B 257 -8.90 3.83 18.88
N ILE B 258 -9.44 4.35 17.79
CA ILE B 258 -10.86 4.80 17.73
C ILE B 258 -11.77 3.62 18.09
N MET B 259 -11.46 2.41 17.63
CA MET B 259 -12.39 1.25 17.77
C MET B 259 -12.19 0.49 19.09
N ALA B 260 -11.32 0.95 19.98
CA ALA B 260 -11.02 0.26 21.25
C ALA B 260 -10.75 -1.21 20.92
N ALA B 261 -9.91 -1.40 19.91
CA ALA B 261 -9.45 -2.71 19.44
C ALA B 261 -8.39 -3.22 20.40
N PRO B 262 -8.34 -4.54 20.68
CA PRO B 262 -7.11 -5.10 21.20
C PRO B 262 -6.01 -4.79 20.17
N LEU B 263 -4.78 -4.61 20.65
CA LEU B 263 -3.60 -4.29 19.82
C LEU B 263 -2.67 -5.49 19.89
N PHE B 264 -2.85 -6.42 18.96
CA PHE B 264 -1.93 -7.56 18.73
C PHE B 264 -1.12 -7.28 17.46
N MET B 265 0.10 -6.78 17.63
CA MET B 265 1.12 -6.70 16.56
C MET B 265 1.33 -8.11 16.02
N SER B 266 1.39 -8.25 14.71
CA SER B 266 1.91 -9.46 14.02
C SER B 266 2.92 -8.95 13.00
N ASN B 267 4.19 -9.03 13.36
CA ASN B 267 5.33 -8.44 12.62
C ASN B 267 6.59 -9.18 13.08
N ASP B 268 7.77 -8.77 12.62
CA ASP B 268 9.06 -9.34 13.13
C ASP B 268 9.79 -8.22 13.88
N LEU B 269 9.80 -8.30 15.21
CA LEU B 269 10.40 -7.26 16.09
C LEU B 269 11.92 -7.21 15.90
N ARG B 270 12.49 -8.15 15.14
CA ARG B 270 13.95 -8.24 14.84
C ARG B 270 14.32 -7.38 13.62
N HIS B 271 13.33 -7.08 12.76
CA HIS B 271 13.48 -6.32 11.49
C HIS B 271 12.27 -5.41 11.35
N ILE B 272 12.28 -4.27 12.03
CA ILE B 272 11.17 -3.29 11.96
C ILE B 272 11.81 -1.90 11.86
N SER B 273 11.33 -1.06 10.94
CA SER B 273 11.86 0.31 10.71
C SER B 273 11.62 1.15 11.95
N PRO B 274 12.49 2.16 12.21
CA PRO B 274 12.29 3.10 13.31
C PRO B 274 10.94 3.83 13.25
N GLN B 275 10.48 4.20 12.06
N GLN B 275 10.51 4.24 12.06
CA GLN B 275 9.20 4.93 11.84
CA GLN B 275 9.21 4.92 11.84
C GLN B 275 8.01 4.03 12.25
C GLN B 275 8.08 4.00 12.35
N ALA B 276 8.07 2.73 11.94
CA ALA B 276 6.98 1.77 12.30
C ALA B 276 6.98 1.54 13.82
N LYS B 277 8.16 1.48 14.41
CA LYS B 277 8.34 1.23 15.87
C LYS B 277 7.75 2.40 16.64
N ALA B 278 8.13 3.62 16.27
CA ALA B 278 7.68 4.88 16.90
C ALA B 278 6.16 4.98 16.80
N LEU B 279 5.58 4.59 15.68
CA LEU B 279 4.09 4.64 15.51
C LEU B 279 3.45 3.64 16.49
N LEU B 280 3.89 2.39 16.49
CA LEU B 280 3.32 1.33 17.38
C LEU B 280 3.57 1.65 18.87
N GLN B 281 4.61 2.44 19.18
CA GLN B 281 4.99 2.79 20.58
C GLN B 281 4.51 4.22 20.91
N ASP B 282 3.69 4.83 20.05
CA ASP B 282 3.18 6.21 20.26
C ASP B 282 2.32 6.26 21.53
N LYS B 283 2.88 6.79 22.63
CA LYS B 283 2.27 6.85 24.00
C LYS B 283 0.87 7.46 23.95
N ASP B 284 0.70 8.56 23.21
CA ASP B 284 -0.57 9.36 23.13
C ASP B 284 -1.66 8.58 22.40
N VAL B 285 -1.31 7.83 21.35
CA VAL B 285 -2.31 7.06 20.56
C VAL B 285 -2.66 5.79 21.32
N ILE B 286 -1.69 5.16 21.97
CA ILE B 286 -1.94 3.98 22.84
C ILE B 286 -2.88 4.43 23.96
N ALA B 287 -2.65 5.61 24.52
CA ALA B 287 -3.46 6.18 25.63
C ALA B 287 -4.91 6.31 25.16
N ILE B 288 -5.17 6.75 23.93
CA ILE B 288 -6.56 6.76 23.38
C ILE B 288 -7.10 5.31 23.34
N ASN B 289 -6.36 4.38 22.77
CA ASN B 289 -6.83 2.97 22.70
C ASN B 289 -7.22 2.51 24.11
N GLN B 290 -6.40 2.87 25.12
CA GLN B 290 -6.42 2.29 26.48
C GLN B 290 -7.24 3.16 27.44
N ASP B 291 -8.14 3.98 26.92
CA ASP B 291 -8.89 4.97 27.73
C ASP B 291 -9.81 4.22 28.70
N PRO B 292 -9.69 4.50 30.02
CA PRO B 292 -10.39 3.72 31.05
C PRO B 292 -11.92 3.70 30.91
N LEU B 293 -12.52 4.76 30.37
CA LEU B 293 -13.97 4.82 30.06
C LEU B 293 -14.35 3.60 29.20
N GLY B 294 -13.54 3.22 28.22
CA GLY B 294 -13.74 1.98 27.45
C GLY B 294 -15.00 2.01 26.62
N LYS B 295 -15.34 3.18 26.03
CA LYS B 295 -16.44 3.32 25.06
C LYS B 295 -15.87 3.33 23.63
N GLN B 296 -16.36 2.42 22.78
CA GLN B 296 -15.87 2.24 21.39
C GLN B 296 -16.33 3.43 20.56
N GLY B 297 -15.49 3.91 19.65
CA GLY B 297 -15.83 5.02 18.75
C GLY B 297 -16.60 4.53 17.55
N TYR B 298 -16.78 5.36 16.53
CA TYR B 298 -17.73 5.06 15.44
C TYR B 298 -17.55 6.07 14.31
N GLN B 299 -18.13 5.75 13.17
CA GLN B 299 -18.08 6.64 12.00
C GLN B 299 -19.18 7.68 12.14
N LEU B 300 -18.79 8.95 12.24
CA LEU B 300 -19.70 10.10 12.38
C LEU B 300 -20.25 10.48 11.02
N ARG B 301 -19.40 10.50 9.99
N ARG B 301 -19.40 10.47 9.98
CA ARG B 301 -19.77 10.99 8.63
CA ARG B 301 -19.74 11.03 8.65
C ARG B 301 -18.99 10.23 7.56
C ARG B 301 -18.95 10.31 7.54
N GLN B 302 -19.51 10.26 6.33
CA GLN B 302 -18.85 9.68 5.13
C GLN B 302 -19.42 10.41 3.92
N GLY B 303 -18.59 10.65 2.90
CA GLY B 303 -18.99 11.35 1.67
C GLY B 303 -17.80 12.07 1.05
N ASP B 304 -17.79 12.12 -0.29
CA ASP B 304 -16.75 12.82 -1.10
C ASP B 304 -15.40 12.13 -0.84
N ASN B 305 -15.43 10.81 -0.74
CA ASN B 305 -14.27 9.95 -0.36
C ASN B 305 -13.59 10.48 0.90
N PHE B 306 -14.36 10.99 1.87
CA PHE B 306 -13.89 11.33 3.24
C PHE B 306 -14.64 10.48 4.25
N GLU B 307 -13.98 10.18 5.35
CA GLU B 307 -14.64 9.61 6.55
C GLU B 307 -14.22 10.41 7.78
N VAL B 308 -15.18 10.64 8.67
CA VAL B 308 -14.94 11.21 10.04
C VAL B 308 -15.37 10.15 11.06
N TRP B 309 -14.42 9.72 11.88
CA TRP B 309 -14.70 8.90 13.09
C TRP B 309 -14.37 9.70 14.36
N GLU B 310 -15.04 9.36 15.46
CA GLU B 310 -14.72 9.92 16.81
C GLU B 310 -14.92 8.84 17.87
N ARG B 311 -14.24 9.03 18.99
CA ARG B 311 -14.39 8.16 20.18
C ARG B 311 -14.44 9.05 21.42
N PRO B 312 -15.47 8.87 22.28
CA PRO B 312 -15.51 9.53 23.60
C PRO B 312 -14.47 8.98 24.57
N LEU B 313 -13.73 9.86 25.24
CA LEU B 313 -12.67 9.53 26.24
C LEU B 313 -13.10 10.05 27.63
N SER B 314 -12.51 9.51 28.70
CA SER B 314 -12.65 9.99 30.09
C SER B 314 -12.45 11.50 30.13
N GLY B 315 -13.24 12.19 30.95
CA GLY B 315 -12.93 13.59 31.30
C GLY B 315 -13.34 14.53 30.20
N LEU B 316 -14.39 14.18 29.45
CA LEU B 316 -14.99 15.04 28.39
C LEU B 316 -13.99 15.34 27.25
N ALA B 317 -13.03 14.44 27.02
CA ALA B 317 -12.11 14.50 25.87
C ALA B 317 -12.66 13.62 24.74
N TRP B 318 -12.32 13.95 23.49
CA TRP B 318 -12.70 13.15 22.31
C TRP B 318 -11.50 12.98 21.38
N ALA B 319 -11.38 11.79 20.80
CA ALA B 319 -10.49 11.49 19.68
C ALA B 319 -11.31 11.61 18.41
N VAL B 320 -10.74 12.28 17.40
CA VAL B 320 -11.32 12.43 16.04
C VAL B 320 -10.30 11.96 15.00
N ALA B 321 -10.76 11.14 14.06
CA ALA B 321 -9.98 10.61 12.92
C ALA B 321 -10.62 11.11 11.63
N MET B 322 -9.84 11.74 10.76
CA MET B 322 -10.33 12.09 9.40
C MET B 322 -9.54 11.26 8.36
N ILE B 323 -10.25 10.40 7.63
CA ILE B 323 -9.63 9.50 6.60
C ILE B 323 -9.94 10.08 5.23
N ASN B 324 -8.92 10.11 4.37
CA ASN B 324 -9.04 10.43 2.92
C ASN B 324 -9.04 9.10 2.15
N ARG B 325 -10.18 8.71 1.59
CA ARG B 325 -10.35 7.41 0.89
C ARG B 325 -10.10 7.60 -0.62
N GLN B 326 -9.74 8.81 -1.06
CA GLN B 326 -9.37 9.07 -2.47
C GLN B 326 -7.93 8.58 -2.67
N GLU B 327 -7.74 7.64 -3.61
CA GLU B 327 -6.44 6.94 -3.81
C GLU B 327 -5.74 7.53 -5.05
N ILE B 328 -5.84 8.86 -5.21
CA ILE B 328 -5.22 9.61 -6.35
C ILE B 328 -5.06 11.04 -5.90
N GLY B 329 -4.12 11.77 -6.50
CA GLY B 329 -3.92 13.20 -6.22
C GLY B 329 -3.09 13.41 -4.99
N GLY B 330 -3.38 14.51 -4.28
CA GLY B 330 -2.56 15.11 -3.21
C GLY B 330 -3.38 15.24 -1.93
N PRO B 331 -2.80 15.84 -0.87
CA PRO B 331 -3.54 16.09 0.36
C PRO B 331 -4.82 16.89 0.09
N ARG B 332 -5.96 16.44 0.60
CA ARG B 332 -7.26 17.15 0.43
C ARG B 332 -7.60 17.88 1.74
N SER B 333 -8.08 19.11 1.61
CA SER B 333 -8.50 19.94 2.77
C SER B 333 -9.91 19.49 3.18
N TYR B 334 -10.12 19.30 4.48
CA TYR B 334 -11.46 19.03 5.05
C TYR B 334 -11.70 20.04 6.17
N THR B 335 -12.87 20.66 6.19
CA THR B 335 -13.24 21.59 7.29
C THR B 335 -14.52 21.10 7.94
N ILE B 336 -14.61 21.23 9.26
CA ILE B 336 -15.84 20.86 10.02
C ILE B 336 -15.96 21.85 11.19
N ALA B 337 -17.21 22.23 11.47
CA ALA B 337 -17.57 23.00 12.69
C ALA B 337 -17.25 22.11 13.89
N VAL B 338 -16.42 22.62 14.81
CA VAL B 338 -16.06 21.85 16.03
C VAL B 338 -17.33 21.52 16.82
N ALA B 339 -18.41 22.30 16.64
CA ALA B 339 -19.74 22.05 17.26
C ALA B 339 -20.29 20.69 16.82
N SER B 340 -19.97 20.21 15.62
CA SER B 340 -20.44 18.91 15.10
C SER B 340 -19.70 17.73 15.76
N LEU B 341 -18.53 17.97 16.35
CA LEU B 341 -17.69 16.89 16.94
C LEU B 341 -18.11 16.69 18.40
N GLY B 342 -17.91 15.47 18.90
CA GLY B 342 -18.06 15.09 20.32
C GLY B 342 -19.46 15.37 20.83
N LYS B 343 -20.46 15.24 19.94
CA LYS B 343 -21.91 15.46 20.20
C LYS B 343 -22.17 16.90 20.65
N GLY B 344 -21.34 17.86 20.23
CA GLY B 344 -21.48 19.28 20.59
C GLY B 344 -20.94 19.58 21.98
N VAL B 345 -20.51 18.53 22.69
CA VAL B 345 -20.00 18.58 24.09
C VAL B 345 -18.53 18.97 24.10
N ALA B 346 -17.75 18.38 23.18
CA ALA B 346 -16.27 18.35 23.23
C ALA B 346 -15.72 19.77 23.36
N CYS B 347 -16.25 20.73 22.58
CA CYS B 347 -15.72 22.12 22.46
C CYS B 347 -16.72 23.17 23.01
N ASN B 348 -17.59 22.76 23.96
CA ASN B 348 -18.55 23.64 24.68
C ASN B 348 -18.04 23.95 26.09
N PRO B 349 -17.57 25.18 26.41
CA PRO B 349 -17.59 26.33 25.51
C PRO B 349 -16.37 26.43 24.58
N ALA B 350 -15.30 25.73 24.93
CA ALA B 350 -14.05 25.64 24.15
C ALA B 350 -13.44 24.24 24.30
N CYS B 351 -12.57 23.88 23.35
CA CYS B 351 -11.63 22.75 23.52
C CYS B 351 -10.25 23.20 23.05
N PHE B 352 -9.23 22.55 23.59
CA PHE B 352 -7.84 22.58 23.09
C PHE B 352 -7.62 21.34 22.24
N ILE B 353 -7.25 21.55 20.97
CA ILE B 353 -7.02 20.48 19.96
C ILE B 353 -5.52 20.29 19.76
N THR B 354 -5.05 19.05 19.97
CA THR B 354 -3.70 18.55 19.65
C THR B 354 -3.82 17.50 18.51
N GLN B 355 -3.19 17.75 17.36
CA GLN B 355 -2.96 16.70 16.32
C GLN B 355 -1.98 15.68 16.89
N LEU B 356 -2.31 14.39 16.84
CA LEU B 356 -1.41 13.29 17.26
C LEU B 356 -0.80 12.60 16.01
N LEU B 357 -1.55 12.48 14.91
CA LEU B 357 -1.10 11.79 13.67
C LEU B 357 -1.50 12.63 12.47
N PRO B 358 -0.69 12.65 11.37
CA PRO B 358 0.53 11.85 11.26
C PRO B 358 1.72 12.35 12.11
N VAL B 359 1.67 13.61 12.55
CA VAL B 359 2.67 14.17 13.49
C VAL B 359 1.95 14.81 14.68
N LYS B 360 2.67 15.01 15.78
CA LYS B 360 2.14 15.62 17.02
C LYS B 360 2.35 17.14 16.97
N ARG B 361 1.24 17.89 17.03
CA ARG B 361 1.18 19.35 16.81
C ARG B 361 0.05 19.92 17.68
N LYS B 362 0.40 20.76 18.66
CA LYS B 362 -0.58 21.59 19.40
C LYS B 362 -1.26 22.54 18.40
N LEU B 363 -2.57 22.42 18.18
CA LEU B 363 -3.35 23.32 17.27
C LEU B 363 -3.97 24.49 18.04
N GLY B 364 -4.21 24.38 19.35
CA GLY B 364 -4.69 25.50 20.20
C GLY B 364 -6.18 25.44 20.56
N PHE B 365 -6.71 26.55 21.11
CA PHE B 365 -8.10 26.70 21.61
C PHE B 365 -9.06 26.97 20.44
N TYR B 366 -10.13 26.19 20.36
CA TYR B 366 -11.26 26.42 19.42
C TYR B 366 -12.52 26.71 20.24
N GLU B 367 -13.11 27.88 20.03
CA GLU B 367 -14.46 28.26 20.56
C GLU B 367 -15.46 27.22 20.08
N TRP B 368 -16.55 26.99 20.81
CA TRP B 368 -17.69 26.14 20.37
C TRP B 368 -18.15 26.53 18.95
N THR B 369 -17.99 27.79 18.53
CA THR B 369 -18.48 28.26 17.21
C THR B 369 -17.39 28.16 16.13
N SER B 370 -16.20 27.63 16.44
CA SER B 370 -15.01 27.55 15.53
C SER B 370 -15.22 26.53 14.40
N ARG B 371 -14.42 26.68 13.33
CA ARG B 371 -14.20 25.65 12.27
C ARG B 371 -12.80 25.06 12.44
N LEU B 372 -12.69 23.74 12.34
CA LEU B 372 -11.40 23.01 12.28
C LEU B 372 -11.10 22.72 10.80
N ARG B 373 -9.93 23.17 10.33
CA ARG B 373 -9.46 23.00 8.93
C ARG B 373 -8.26 22.06 8.96
N SER B 374 -8.30 20.96 8.19
CA SER B 374 -7.20 19.96 8.10
C SER B 374 -6.90 19.65 6.63
N HIS B 375 -5.71 19.11 6.38
CA HIS B 375 -5.26 18.52 5.10
C HIS B 375 -4.93 17.05 5.39
N ILE B 376 -5.50 16.13 4.61
CA ILE B 376 -5.38 14.67 4.87
C ILE B 376 -4.80 14.00 3.62
N ASN B 377 -3.69 13.28 3.80
CA ASN B 377 -3.00 12.52 2.72
C ASN B 377 -3.91 11.42 2.20
N PRO B 378 -3.87 11.13 0.89
CA PRO B 378 -4.53 9.95 0.34
C PRO B 378 -4.17 8.65 1.07
N THR B 379 -5.22 7.91 1.49
CA THR B 379 -5.24 6.64 2.29
C THR B 379 -4.70 6.88 3.70
N GLY B 380 -4.40 8.13 4.05
CA GLY B 380 -3.98 8.53 5.39
C GLY B 380 -5.14 9.00 6.25
N THR B 381 -4.82 9.29 7.50
CA THR B 381 -5.72 9.71 8.59
C THR B 381 -5.04 10.81 9.40
N VAL B 382 -5.75 11.90 9.66
CA VAL B 382 -5.40 12.88 10.74
C VAL B 382 -6.15 12.45 12.01
N LEU B 383 -5.42 12.22 13.09
CA LEU B 383 -5.97 11.89 14.42
C LEU B 383 -5.76 13.09 15.35
N LEU B 384 -6.86 13.54 15.95
CA LEU B 384 -6.92 14.74 16.83
C LEU B 384 -7.45 14.31 18.19
N GLN B 385 -6.90 14.89 19.27
CA GLN B 385 -7.47 14.81 20.63
C GLN B 385 -8.09 16.17 20.98
N LEU B 386 -9.36 16.17 21.35
CA LEU B 386 -10.14 17.38 21.77
C LEU B 386 -10.31 17.34 23.29
N GLU B 387 -9.75 18.33 23.99
CA GLU B 387 -9.84 18.46 25.46
C GLU B 387 -10.83 19.58 25.77
N ASN B 388 -11.96 19.26 26.40
CA ASN B 388 -12.97 20.27 26.84
C ASN B 388 -12.35 21.21 27.87
N THR B 389 -12.54 22.51 27.72
CA THR B 389 -11.88 23.54 28.58
C THR B 389 -12.78 24.77 28.69
N MET B 390 -12.57 25.60 29.70
CA MET B 390 -13.21 26.94 29.74
C MET B 390 -12.15 28.05 29.76
N GLN B 391 -10.88 27.68 29.55
CA GLN B 391 -9.73 28.62 29.51
C GLN B 391 -9.66 29.32 28.14
N MET B 392 -10.78 29.88 27.67
CA MET B 392 -10.89 30.61 26.37
C MET B 392 -12.34 31.09 26.18
C1 NAG C . -17.12 16.79 -32.88
C2 NAG C . -17.11 15.37 -33.42
C3 NAG C . -17.75 15.39 -34.81
C4 NAG C . -19.15 16.03 -34.81
C5 NAG C . -19.10 17.43 -34.21
C6 NAG C . -20.47 18.13 -34.12
C7 NAG C . -15.36 13.74 -32.86
C8 NAG C . -13.98 13.27 -33.19
N2 NAG C . -15.77 14.83 -33.51
O3 NAG C . -17.79 14.06 -35.37
O4 NAG C . -19.60 16.10 -36.16
O5 NAG C . -18.46 17.36 -32.93
O6 NAG C . -21.37 17.60 -33.11
O7 NAG C . -16.06 13.15 -32.05
C1 NAG C . -20.69 15.23 -36.49
C2 NAG C . -21.19 15.62 -37.87
C3 NAG C . -22.40 14.80 -38.27
C4 NAG C . -22.14 13.30 -38.12
C5 NAG C . -21.38 12.92 -36.84
C6 NAG C . -20.73 11.55 -36.97
C7 NAG C . -20.63 17.94 -38.48
C8 NAG C . -20.94 19.40 -38.33
N2 NAG C . -21.46 17.06 -37.90
O3 NAG C . -22.71 15.03 -39.64
O4 NAG C . -23.46 12.69 -38.15
O5 NAG C . -20.33 13.84 -36.51
O6 NAG C . -20.71 10.89 -35.69
O7 NAG C . -19.63 17.59 -39.09
C1 BMA C . -23.65 11.75 -39.24
C2 BMA C . -24.15 10.44 -38.63
C3 BMA C . -24.32 9.39 -39.74
C4 BMA C . -25.23 9.94 -40.83
C5 BMA C . -24.66 11.27 -41.32
C6 BMA C . -25.53 11.88 -42.43
O2 BMA C . -25.38 10.70 -37.93
O3 BMA C . -24.85 8.14 -39.24
O4 BMA C . -25.35 8.97 -41.87
O5 BMA C . -24.57 12.19 -40.24
O6 BMA C . -24.70 12.74 -43.22
C1 NAG D . 9.75 13.79 -40.26
C2 NAG D . 10.90 13.82 -39.26
C3 NAG D . 12.17 13.22 -39.83
C4 NAG D . 11.86 11.84 -40.37
C5 NAG D . 10.70 11.91 -41.36
C6 NAG D . 10.35 10.56 -41.96
C7 NAG D . 10.59 15.70 -37.77
C8 NAG D . 10.87 17.14 -37.52
N2 NAG D . 11.17 15.16 -38.86
O3 NAG D . 13.12 13.12 -38.76
O4 NAG D . 12.97 11.40 -41.12
O5 NAG D . 9.54 12.46 -40.74
O6 NAG D . 10.61 9.56 -40.99
O7 NAG D . 9.86 15.08 -37.02
C1 NAG D . 13.87 10.53 -40.42
C2 NAG D . 14.70 9.75 -41.44
C3 NAG D . 15.62 8.83 -40.66
C4 NAG D . 16.51 9.66 -39.77
C5 NAG D . 15.58 10.41 -38.80
C6 NAG D . 16.21 11.27 -37.71
C7 NAG D . 13.64 9.45 -43.64
C8 NAG D . 12.64 8.65 -44.44
N2 NAG D . 13.87 9.03 -42.39
O3 NAG D . 16.38 8.02 -41.54
O4 NAG D . 17.43 8.71 -39.22
O5 NAG D . 14.73 11.27 -39.57
O6 NAG D . 17.03 12.26 -38.29
O7 NAG D . 14.18 10.44 -44.14
C1 BMA D . 18.64 9.37 -38.82
C2 BMA D . 19.59 8.40 -38.14
C3 BMA D . 20.73 9.24 -37.55
C4 BMA D . 21.40 10.08 -38.63
C5 BMA D . 20.35 10.92 -39.36
C6 BMA D . 20.91 11.88 -40.43
O2 BMA D . 20.04 7.42 -39.08
O3 BMA D . 21.70 8.40 -36.89
O4 BMA D . 22.39 10.93 -38.05
O5 BMA D . 19.36 10.01 -39.89
O6 BMA D . 21.77 11.20 -41.37
C1 MAN D . 21.69 8.54 -35.45
C2 MAN D . 22.84 9.46 -35.00
C3 MAN D . 24.19 8.75 -35.04
C4 MAN D . 24.12 7.35 -34.43
C5 MAN D . 22.97 6.54 -35.03
C6 MAN D . 22.85 5.15 -34.43
O2 MAN D . 22.63 9.99 -33.69
O3 MAN D . 25.16 9.57 -34.36
O4 MAN D . 25.35 6.64 -34.66
O5 MAN D . 21.75 7.25 -34.82
O6 MAN D . 22.89 4.18 -35.47
C1 NAG E . -15.20 -17.17 37.26
C2 NAG E . -14.11 -16.15 37.49
C3 NAG E . -14.46 -15.17 38.61
C4 NAG E . -15.84 -14.58 38.38
C5 NAG E . -16.84 -15.74 38.19
C6 NAG E . -18.28 -15.31 37.98
C7 NAG E . -11.91 -17.02 36.92
C8 NAG E . -10.52 -17.29 37.44
N2 NAG E . -12.82 -16.72 37.84
O3 NAG E . -13.41 -14.18 38.64
O4 NAG E . -16.20 -13.82 39.52
O5 NAG E . -16.44 -16.49 37.05
O6 NAG E . -18.34 -14.35 36.93
O7 NAG E . -12.19 -17.00 35.73
C1 NAG E . -16.32 -12.39 39.36
C2 NAG E . -17.08 -11.87 40.61
C3 NAG E . -17.04 -10.37 40.73
C4 NAG E . -15.64 -9.82 40.55
C5 NAG E . -15.04 -10.35 39.26
C6 NAG E . -13.63 -9.85 39.06
C7 NAG E . -18.92 -13.39 41.19
C8 NAG E . -20.34 -13.77 40.88
N2 NAG E . -18.47 -12.28 40.59
O3 NAG E . -17.47 -10.00 42.03
O4 NAG E . -15.77 -8.40 40.49
O5 NAG E . -15.03 -11.78 39.24
O6 NAG E . -12.82 -10.35 40.11
O7 NAG E . -18.22 -14.08 41.91
C1 BMA E . -15.08 -7.73 41.55
C2 BMA E . -14.47 -6.43 41.02
C3 BMA E . -13.59 -5.79 42.09
C4 BMA E . -14.31 -5.73 43.43
C5 BMA E . -15.09 -7.01 43.79
C6 BMA E . -15.96 -6.81 45.04
O2 BMA E . -15.52 -5.52 40.66
O3 BMA E . -13.29 -4.43 41.73
O4 BMA E . -13.26 -5.59 44.41
O5 BMA E . -15.92 -7.42 42.68
O6 BMA E . -17.29 -6.34 44.76
C1 MAN E . -12.20 -4.28 40.77
C2 MAN E . -10.99 -3.62 41.46
C3 MAN E . -11.26 -2.15 41.78
C4 MAN E . -12.08 -1.44 40.71
C5 MAN E . -13.16 -2.27 40.04
C6 MAN E . -13.76 -1.53 38.84
O2 MAN E . -9.80 -3.68 40.66
O3 MAN E . -10.01 -1.48 41.97
O4 MAN E . -12.73 -0.35 41.34
O5 MAN E . -12.60 -3.52 39.64
O6 MAN E . -14.66 -2.38 38.11
C1 NAG F . -29.17 -12.54 23.60
C2 NAG F . -30.69 -12.48 23.69
C3 NAG F . -31.19 -12.27 25.12
C4 NAG F . -30.37 -12.97 26.19
C5 NAG F . -28.87 -12.97 25.92
C6 NAG F . -28.11 -13.86 26.90
C7 NAG F . -32.09 -11.55 21.91
C8 NAG F . -32.57 -10.29 21.23
N2 NAG F . -31.21 -11.37 22.90
O3 NAG F . -32.54 -12.74 25.16
O4 NAG F . -30.61 -12.28 27.42
O5 NAG F . -28.64 -13.43 24.59
O6 NAG F . -28.33 -15.23 26.58
O7 NAG F . -32.46 -12.65 21.59
C1 NAG F . -31.17 -13.11 28.46
C2 NAG F . -31.87 -12.14 29.41
C3 NAG F . -32.52 -12.84 30.60
C4 NAG F . -33.18 -14.18 30.23
C5 NAG F . -32.50 -14.96 29.11
C6 NAG F . -33.46 -16.02 28.55
C7 NAG F . -29.82 -11.05 30.45
C8 NAG F . -29.38 -12.26 31.25
N2 NAG F . -30.94 -11.04 29.71
O3 NAG F . -33.53 -11.98 31.15
O4 NAG F . -33.18 -15.01 31.40
O5 NAG F . -32.12 -14.10 28.04
O6 NAG F . -32.93 -16.58 27.35
O7 NAG F . -29.11 -10.05 30.46
C1 NAG G . -0.91 -3.39 -39.62
C2 NAG G . -1.35 -4.16 -40.87
C3 NAG G . -0.20 -4.20 -41.89
C4 NAG G . 0.36 -2.82 -42.24
C5 NAG G . 0.79 -2.15 -40.93
C6 NAG G . 1.29 -0.72 -41.15
C7 NAG G . -2.99 -5.92 -40.26
C8 NAG G . -3.15 -7.31 -39.71
N2 NAG G . -1.72 -5.51 -40.47
O3 NAG G . -0.65 -4.80 -43.09
O4 NAG G . 1.44 -2.90 -43.23
O5 NAG G . -0.32 -2.12 -40.01
O6 NAG G . 0.19 0.14 -41.46
O7 NAG G . -3.97 -5.23 -40.48
C1 EDO H . -5.48 -9.20 -17.72
O1 EDO H . -5.33 -8.95 -16.34
C2 EDO H . -6.84 -8.92 -18.24
O2 EDO H . -6.97 -7.65 -18.82
C1 PEG I . -1.32 -1.95 -0.88
O1 PEG I . -1.77 -2.87 0.09
C2 PEG I . -1.04 -0.54 -0.40
O2 PEG I . -1.32 0.35 -1.50
C3 PEG I . -2.67 0.40 -2.00
C4 PEG I . -3.05 -0.92 -2.67
O4 PEG I . -4.39 -1.05 -3.19
C1 PEG J . 3.72 33.15 -25.03
O1 PEG J . 4.66 32.84 -24.02
C2 PEG J . 2.90 31.95 -25.52
O2 PEG J . 1.49 32.13 -25.30
C3 PEG J . 0.92 33.34 -25.83
C4 PEG J . 0.83 33.28 -27.32
O4 PEG J . 2.02 33.72 -27.97
C1 EDO K . 2.68 -16.72 -18.21
O1 EDO K . 3.91 -17.18 -17.71
C2 EDO K . 2.84 -15.61 -19.19
O2 EDO K . 2.70 -16.00 -20.53
C1 H9T L . -7.06 11.86 -19.07
C2 H9T L . -6.36 11.15 -20.22
C3 H9T L . -5.06 10.44 -19.81
C4 H9T L . -4.63 10.70 -18.37
C5 H9T L . -4.70 12.19 -18.11
C6 H9T L . -6.15 12.68 -18.17
O8 H9T L . -3.84 12.81 -19.08
O9 H9T L . -3.26 10.32 -18.15
O10 H9T L . -5.21 9.03 -19.98
C7 H9T L . -6.16 14.16 -18.52
O11 H9T L . -7.49 14.69 -18.48
N1 H9T L . -7.75 10.79 -18.32
C1 PEG M . 6.87 0.73 4.10
O1 PEG M . 7.89 -0.15 4.54
C2 PEG M . 7.38 2.12 3.86
O2 PEG M . 6.29 2.99 3.59
C3 PEG M . 6.67 4.22 2.99
C4 PEG M . 5.59 4.65 2.02
O4 PEG M . 5.42 6.06 1.95
S SO4 N . 13.46 -24.54 -12.88
O1 SO4 N . 12.54 -23.64 -12.21
O2 SO4 N . 14.51 -24.87 -11.97
O3 SO4 N . 13.99 -23.87 -14.04
O4 SO4 N . 12.77 -25.73 -13.26
S SO4 O . 9.48 3.36 -36.77
O1 SO4 O . 8.27 3.79 -37.44
O2 SO4 O . 9.61 4.03 -35.51
O3 SO4 O . 10.62 3.70 -37.59
O4 SO4 O . 9.42 1.93 -36.57
S SO4 P . 14.55 26.36 -28.96
O1 SO4 P . 14.72 25.36 -27.95
O2 SO4 P . 13.21 26.93 -28.87
O3 SO4 P . 14.73 25.76 -30.26
O4 SO4 P . 15.53 27.40 -28.79
C ACT Q . -5.85 1.12 -12.96
O ACT Q . -5.68 2.05 -12.15
OXT ACT Q . -6.66 0.18 -12.80
CH3 ACT Q . -5.00 1.13 -14.21
C ACT R . 20.61 8.00 -18.65
O ACT R . 20.71 6.87 -18.16
OXT ACT R . 19.82 8.28 -19.58
CH3 ACT R . 21.53 9.12 -18.10
C ACT S . 21.06 -21.62 -0.42
O ACT S . 19.99 -21.97 0.11
OXT ACT S . 22.05 -22.38 -0.54
CH3 ACT S . 21.19 -20.18 -0.94
C1 EDO T . 10.03 -13.02 8.65
O1 EDO T . 8.90 -13.82 8.31
C2 EDO T . 11.31 -13.69 8.98
O2 EDO T . 12.37 -12.75 9.06
C1 EDO U . -13.72 5.81 33.89
O1 EDO U . -15.09 5.53 34.12
C2 EDO U . -13.46 7.27 33.79
O2 EDO U . -14.52 8.00 33.22
C1 EDO V . -1.76 -3.90 29.03
O1 EDO V . -1.46 -2.55 28.66
C2 EDO V . -3.00 -4.41 28.39
O2 EDO V . -2.91 -5.75 27.86
C1 EDO W . 0.16 1.27 28.40
O1 EDO W . 0.95 1.13 29.57
C2 EDO W . -1.29 1.40 28.65
O2 EDO W . -1.87 2.63 28.21
C1 H9T X . -7.39 -19.26 11.44
C2 H9T X . -8.41 -18.74 12.44
C3 H9T X . -8.23 -17.27 12.78
C4 H9T X . -6.92 -16.69 12.29
C5 H9T X . -5.78 -17.64 12.61
C6 H9T X . -5.92 -18.88 11.75
O8 H9T X . -5.81 -17.88 14.01
O9 H9T X . -6.69 -15.42 12.91
O10 H9T X . -9.30 -16.55 12.17
C7 H9T X . -5.17 -20.05 12.38
O11 H9T X . -5.06 -21.17 11.49
N1 H9T X . -7.89 -18.86 10.09
C1 EDO Y . -1.11 27.05 22.82
O1 EDO Y . -2.27 27.85 22.69
C2 EDO Y . -0.99 26.04 21.74
O2 EDO Y . -0.33 26.48 20.56
C1 NAG Z . -16.41 -34.41 15.50
C2 NAG Z . -17.78 -33.72 15.49
C3 NAG Z . -18.91 -34.70 15.89
C4 NAG Z . -18.79 -36.10 15.27
C5 NAG Z . -17.37 -36.65 15.38
C6 NAG Z . -17.17 -37.96 14.61
C7 NAG Z . -17.66 -31.27 16.05
C8 NAG Z . -17.75 -30.30 17.19
N2 NAG Z . -17.79 -32.57 16.39
O3 NAG Z . -20.19 -34.15 15.52
O4 NAG Z . -19.73 -36.97 15.91
O5 NAG Z . -16.45 -35.69 14.86
O6 NAG Z . -17.72 -37.87 13.28
O7 NAG Z . -17.52 -30.86 14.91
S SO4 AA . -20.28 21.24 9.42
O1 SO4 AA . -20.23 20.66 10.73
O2 SO4 AA . -21.25 22.31 9.41
O3 SO4 AA . -20.67 20.25 8.46
O4 SO4 AA . -19.00 21.78 9.08
S SO4 BA . -19.45 -8.81 31.37
O1 SO4 BA . -19.19 -9.59 32.54
O2 SO4 BA . -20.01 -7.54 31.74
O3 SO4 BA . -20.37 -9.52 30.51
O4 SO4 BA . -18.20 -8.58 30.67
C ACT CA . 2.77 -19.27 37.12
O ACT CA . 1.84 -18.46 37.25
OXT ACT CA . 2.61 -20.45 36.75
CH3 ACT CA . 4.18 -18.79 37.43
C ACT DA . -10.28 -9.06 4.79
O ACT DA . -11.25 -9.05 5.58
OXT ACT DA . -10.38 -8.86 3.58
CH3 ACT DA . -8.92 -9.35 5.37
C ACT EA . 4.73 9.38 14.85
O ACT EA . 4.84 10.54 15.30
OXT ACT EA . 4.86 8.33 15.54
CH3 ACT EA . 4.43 9.26 13.38
#